data_5F28
#
_entry.id   5F28
#
_cell.length_a   139.210
_cell.length_b   139.210
_cell.length_c   90.350
_cell.angle_alpha   90.00
_cell.angle_beta   90.00
_cell.angle_gamma   90.00
#
_symmetry.space_group_name_H-M   'P 42 21 2'
#
loop_
_entity.id
_entity.type
_entity.pdbx_description
1 polymer MEF2C
2 polymer 'Focal adhesion kinase 1'
3 water water
#
loop_
_entity_poly.entity_id
_entity_poly.type
_entity_poly.pdbx_seq_one_letter_code
_entity_poly.pdbx_strand_id
1 'polypeptide(L)'
;MGRKKIQITRIMDERNRQVTFTKRKFGLMKKAYELSVLCDCEIALIIFNSTNKLFQYASTDMDKVLLKYTEYNEPHESRT
NSDIVEALNKKENKG
;
A,B,C,D
2 'polypeptide(L)'
;LQPQEISPPPTANLDRSNDKVYENVTGLVKAVIEMSSKIQPAPPEEYVPMVKEVGLALRTLLATVDETIPALPASTHREI
EMAQKLLNSDLGELISKMKLAQQYVMTSLQQEYKKQMLTAAHALAVDAKNLLDVIDQARLKMLGQTRPH
;
E,F,G
#
# COMPACT_ATOMS: atom_id res chain seq x y z
N PHE A 21 27.30 -12.59 -33.74
CA PHE A 21 26.46 -12.03 -32.69
C PHE A 21 25.97 -10.62 -33.02
N THR A 22 26.90 -9.77 -33.45
CA THR A 22 26.55 -8.38 -33.77
C THR A 22 25.52 -8.30 -34.88
N LYS A 23 25.55 -9.25 -35.82
CA LYS A 23 24.51 -9.31 -36.84
C LYS A 23 23.19 -9.76 -36.25
N ARG A 24 23.22 -10.78 -35.39
CA ARG A 24 22.00 -11.24 -34.72
C ARG A 24 21.38 -10.11 -33.89
N LYS A 25 22.22 -9.27 -33.28
CA LYS A 25 21.72 -8.18 -32.45
C LYS A 25 21.01 -7.13 -33.28
N PHE A 26 21.66 -6.65 -34.34
CA PHE A 26 21.03 -5.64 -35.20
C PHE A 26 19.82 -6.21 -35.93
N GLY A 27 19.86 -7.49 -36.31
CA GLY A 27 18.71 -8.10 -36.94
C GLY A 27 17.50 -8.13 -36.03
N LEU A 28 17.72 -8.35 -34.73
CA LEU A 28 16.61 -8.35 -33.77
C LEU A 28 16.05 -6.95 -33.57
N MET A 29 16.92 -5.94 -33.49
CA MET A 29 16.46 -4.57 -33.39
C MET A 29 15.75 -4.13 -34.66
N LYS A 30 16.31 -4.49 -35.82
CA LYS A 30 15.67 -4.17 -37.09
C LYS A 30 14.27 -4.77 -37.16
N LYS A 31 14.09 -5.97 -36.62
CA LYS A 31 12.78 -6.60 -36.62
C LYS A 31 11.84 -5.98 -35.58
N ALA A 32 12.40 -5.52 -34.46
CA ALA A 32 11.58 -4.85 -33.46
C ALA A 32 11.08 -3.51 -33.98
N TYR A 33 11.91 -2.80 -34.76
CA TYR A 33 11.45 -1.57 -35.39
C TYR A 33 10.34 -1.84 -36.39
N GLU A 34 10.46 -2.92 -37.17
CA GLU A 34 9.45 -3.22 -38.18
C GLU A 34 8.09 -3.48 -37.55
N LEU A 35 8.07 -4.19 -36.41
CA LEU A 35 6.80 -4.38 -35.71
C LEU A 35 6.29 -3.05 -35.12
N SER A 36 7.20 -2.14 -34.78
CA SER A 36 6.78 -0.89 -34.16
C SER A 36 5.98 -0.03 -35.13
N VAL A 37 6.45 0.07 -36.38
CA VAL A 37 5.81 0.97 -37.34
C VAL A 37 4.70 0.28 -38.14
N LEU A 38 4.84 -1.01 -38.42
CA LEU A 38 3.82 -1.70 -39.19
C LEU A 38 2.58 -2.04 -38.38
N CYS A 39 2.70 -2.11 -37.05
CA CYS A 39 1.56 -2.43 -36.20
C CYS A 39 1.35 -1.40 -35.08
N ASP A 40 2.01 -0.24 -35.16
CA ASP A 40 1.81 0.87 -34.24
C ASP A 40 1.96 0.43 -32.79
N CYS A 41 3.20 0.10 -32.43
CA CYS A 41 3.52 -0.47 -31.13
C CYS A 41 4.71 0.24 -30.52
N GLU A 42 4.66 0.44 -29.20
CA GLU A 42 5.81 0.89 -28.44
C GLU A 42 6.56 -0.32 -27.91
N ILE A 43 7.86 -0.38 -28.16
CA ILE A 43 8.67 -1.56 -27.90
C ILE A 43 9.94 -1.17 -27.16
N ALA A 44 10.24 -1.91 -26.10
CA ALA A 44 11.53 -1.83 -25.41
C ALA A 44 12.25 -3.15 -25.57
N LEU A 45 13.57 -3.08 -25.73
CA LEU A 45 14.40 -4.29 -25.91
C LEU A 45 15.65 -4.13 -25.08
N ILE A 46 15.91 -5.07 -24.18
CA ILE A 46 17.03 -5.03 -23.25
C ILE A 46 17.86 -6.30 -23.46
N ILE A 47 19.15 -6.12 -23.75
CA ILE A 47 20.04 -7.23 -24.06
C ILE A 47 21.29 -7.11 -23.20
N PHE A 48 21.56 -8.15 -22.40
CA PHE A 48 22.85 -8.34 -21.75
C PHE A 48 23.59 -9.44 -22.50
N ASN A 49 24.83 -9.18 -22.91
CA ASN A 49 25.60 -10.21 -23.59
C ASN A 49 26.28 -11.11 -22.55
N SER A 50 27.15 -12.01 -23.02
CA SER A 50 27.70 -13.04 -22.14
C SER A 50 28.61 -12.46 -21.07
N THR A 51 29.10 -11.24 -21.26
CA THR A 51 29.92 -10.56 -20.25
C THR A 51 29.15 -9.45 -19.54
N ASN A 52 27.82 -9.49 -19.58
CA ASN A 52 26.96 -8.52 -18.89
C ASN A 52 27.15 -7.11 -19.41
N LYS A 53 27.54 -6.99 -20.68
CA LYS A 53 27.58 -5.72 -21.38
C LYS A 53 26.19 -5.40 -21.92
N LEU A 54 25.72 -4.18 -21.69
CA LEU A 54 24.34 -3.83 -21.98
C LEU A 54 24.18 -3.20 -23.37
N PHE A 55 23.13 -3.61 -24.05
CA PHE A 55 22.68 -3.04 -25.31
C PHE A 55 21.16 -2.92 -25.25
N GLN A 56 20.60 -1.85 -25.81
CA GLN A 56 19.17 -1.64 -25.66
C GLN A 56 18.60 -0.97 -26.90
N TYR A 57 17.26 -1.02 -26.99
CA TYR A 57 16.50 -0.41 -28.06
C TYR A 57 15.14 0.02 -27.52
N ALA A 58 14.66 1.16 -27.98
CA ALA A 58 13.31 1.63 -27.68
C ALA A 58 12.74 2.31 -28.91
N SER A 59 11.54 1.91 -29.32
CA SER A 59 10.94 2.46 -30.54
C SER A 59 10.80 3.97 -30.46
N THR A 60 10.34 4.48 -29.32
CA THR A 60 10.24 5.92 -29.09
C THR A 60 11.28 6.37 -28.07
N ASP A 61 11.10 5.98 -26.80
CA ASP A 61 11.96 6.46 -25.72
C ASP A 61 11.91 5.44 -24.59
N MET A 62 13.08 4.97 -24.15
CA MET A 62 13.12 3.92 -23.14
C MET A 62 12.54 4.39 -21.81
N ASP A 63 12.74 5.67 -21.48
CA ASP A 63 12.23 6.18 -20.21
C ASP A 63 10.71 6.12 -20.15
N LYS A 64 10.03 6.48 -21.25
CA LYS A 64 8.57 6.51 -21.21
C LYS A 64 7.96 5.12 -21.32
N VAL A 65 8.58 4.21 -22.10
CA VAL A 65 8.05 2.86 -22.24
C VAL A 65 8.13 2.12 -20.90
N LEU A 66 9.28 2.22 -20.23
CA LEU A 66 9.42 1.59 -18.92
C LEU A 66 8.47 2.23 -17.91
N LEU A 67 8.36 3.55 -17.93
CA LEU A 67 7.38 4.25 -17.10
C LEU A 67 5.98 3.69 -17.34
N LYS A 68 5.60 3.52 -18.60
CA LYS A 68 4.32 2.93 -18.94
C LYS A 68 4.22 1.50 -18.41
N TYR A 69 5.34 0.78 -18.34
CA TYR A 69 5.32 -0.58 -17.80
C TYR A 69 5.12 -0.57 -16.30
N THR A 70 5.78 0.36 -15.59
CA THR A 70 5.68 0.40 -14.14
C THR A 70 4.24 0.60 -13.69
N GLU A 71 3.49 1.44 -14.40
CA GLU A 71 2.11 1.74 -14.02
C GLU A 71 1.11 0.70 -14.52
N TYR A 72 1.57 -0.33 -15.22
CA TYR A 72 0.70 -1.41 -15.70
C TYR A 72 0.59 -2.46 -14.60
N ASN A 73 -0.59 -2.54 -13.98
CA ASN A 73 -0.89 -3.55 -12.98
C ASN A 73 -1.78 -4.66 -13.54
N GLU A 74 -2.23 -4.54 -14.78
CA GLU A 74 -3.30 -5.35 -15.33
C GLU A 74 -2.75 -6.65 -15.89
N PRO A 75 -3.62 -7.63 -16.17
CA PRO A 75 -3.15 -8.89 -16.76
C PRO A 75 -2.72 -8.71 -18.21
N HIS A 76 -1.83 -9.59 -18.65
CA HIS A 76 -1.21 -9.44 -19.96
C HIS A 76 -0.64 -10.78 -20.40
N GLU A 77 -0.30 -10.87 -21.68
CA GLU A 77 0.40 -12.03 -22.21
C GLU A 77 1.87 -11.95 -21.84
N SER A 78 2.33 -12.91 -21.04
CA SER A 78 3.74 -13.00 -20.62
C SER A 78 4.27 -14.36 -21.04
N ARG A 79 5.39 -14.36 -21.76
CA ARG A 79 5.97 -15.58 -22.31
C ARG A 79 7.44 -15.68 -21.94
N THR A 80 7.90 -16.92 -21.80
CA THR A 80 9.27 -17.24 -21.45
C THR A 80 9.80 -18.26 -22.46
N ASN A 81 11.03 -18.74 -22.22
CA ASN A 81 11.67 -19.68 -23.14
C ASN A 81 10.83 -20.94 -23.31
N SER A 82 10.23 -21.43 -22.23
CA SER A 82 9.46 -22.67 -22.32
C SER A 82 8.22 -22.50 -23.20
N ASP A 83 7.63 -21.30 -23.22
CA ASP A 83 6.47 -21.07 -24.07
C ASP A 83 6.85 -21.10 -25.54
N ILE A 84 8.01 -20.54 -25.90
CA ILE A 84 8.44 -20.52 -27.29
C ILE A 84 8.69 -21.93 -27.80
N VAL A 85 9.43 -22.72 -27.02
CA VAL A 85 9.82 -24.06 -27.47
C VAL A 85 8.60 -24.94 -27.66
N GLU A 86 7.63 -24.85 -26.74
CA GLU A 86 6.40 -25.61 -26.88
C GLU A 86 5.67 -25.23 -28.18
N ALA A 87 5.55 -23.93 -28.44
CA ALA A 87 4.87 -23.48 -29.65
C ALA A 87 5.62 -23.90 -30.90
N LEU A 88 6.96 -23.96 -30.84
CA LEU A 88 7.76 -24.27 -32.01
C LEU A 88 7.55 -25.69 -32.54
N ASN A 89 6.92 -26.58 -31.77
CA ASN A 89 6.78 -27.97 -32.16
C ASN A 89 5.39 -28.28 -32.71
N LYS A 90 4.70 -27.28 -33.25
CA LYS A 90 3.43 -27.52 -33.93
C LYS A 90 3.53 -27.08 -35.39
N VAL B 19 -3.89 -10.63 -36.32
CA VAL B 19 -3.93 -10.94 -37.73
C VAL B 19 -2.52 -11.34 -38.20
N THR B 20 -1.80 -10.38 -38.77
CA THR B 20 -0.36 -10.53 -38.99
C THR B 20 0.45 -9.94 -37.85
N PHE B 21 -0.21 -9.26 -36.90
CA PHE B 21 0.45 -8.81 -35.69
C PHE B 21 0.88 -9.99 -34.83
N THR B 22 -0.02 -10.95 -34.60
CA THR B 22 0.34 -12.15 -33.85
C THR B 22 1.48 -12.91 -34.51
N LYS B 23 1.50 -12.93 -35.84
CA LYS B 23 2.57 -13.62 -36.56
C LYS B 23 3.89 -12.88 -36.41
N ARG B 24 3.89 -11.56 -36.60
CA ARG B 24 5.12 -10.79 -36.53
C ARG B 24 5.59 -10.63 -35.09
N LYS B 25 4.66 -10.61 -34.13
CA LYS B 25 5.05 -10.55 -32.72
C LYS B 25 5.76 -11.83 -32.30
N PHE B 26 5.19 -12.98 -32.66
CA PHE B 26 5.79 -14.26 -32.27
C PHE B 26 7.14 -14.45 -32.95
N GLY B 27 7.25 -14.03 -34.21
CA GLY B 27 8.54 -14.12 -34.89
C GLY B 27 9.61 -13.29 -34.22
N LEU B 28 9.22 -12.19 -33.57
CA LEU B 28 10.17 -11.39 -32.81
C LEU B 28 10.61 -12.12 -31.55
N MET B 29 9.65 -12.69 -30.81
CA MET B 29 9.98 -13.46 -29.61
C MET B 29 10.81 -14.68 -29.96
N LYS B 30 10.56 -15.29 -31.11
CA LYS B 30 11.31 -16.48 -31.51
C LYS B 30 12.78 -16.13 -31.76
N LYS B 31 13.04 -15.06 -32.51
CA LYS B 31 14.42 -14.69 -32.82
C LYS B 31 15.15 -14.20 -31.58
N ALA B 32 14.46 -13.54 -30.66
CA ALA B 32 15.09 -13.16 -29.40
C ALA B 32 15.51 -14.39 -28.62
N TYR B 33 14.65 -15.40 -28.56
CA TYR B 33 15.00 -16.66 -27.89
C TYR B 33 16.19 -17.32 -28.55
N GLU B 34 16.21 -17.37 -29.88
CA GLU B 34 17.35 -17.92 -30.60
C GLU B 34 18.63 -17.19 -30.23
N LEU B 35 18.57 -15.86 -30.13
CA LEU B 35 19.75 -15.08 -29.78
C LEU B 35 20.20 -15.36 -28.35
N SER B 36 19.24 -15.56 -27.43
CA SER B 36 19.60 -15.76 -26.03
C SER B 36 20.39 -17.06 -25.84
N VAL B 37 20.06 -18.09 -26.60
CA VAL B 37 20.74 -19.38 -26.48
C VAL B 37 22.01 -19.42 -27.32
N LEU B 38 21.95 -18.87 -28.54
CA LEU B 38 23.10 -18.94 -29.44
C LEU B 38 24.29 -18.18 -28.88
N CYS B 39 24.05 -17.00 -28.31
CA CYS B 39 25.13 -16.14 -27.83
C CYS B 39 25.12 -15.93 -26.32
N ASP B 40 24.34 -16.73 -25.58
CA ASP B 40 24.32 -16.72 -24.12
C ASP B 40 24.02 -15.31 -23.59
N CYS B 41 22.78 -14.89 -23.82
CA CYS B 41 22.34 -13.55 -23.50
C CYS B 41 21.11 -13.59 -22.61
N GLU B 42 20.89 -12.48 -21.89
CA GLU B 42 19.66 -12.23 -21.16
C GLU B 42 18.88 -11.15 -21.91
N ILE B 43 17.62 -11.43 -22.22
CA ILE B 43 16.82 -10.59 -23.09
C ILE B 43 15.46 -10.36 -22.45
N ALA B 44 15.03 -9.10 -22.45
CA ALA B 44 13.66 -8.72 -22.09
C ALA B 44 13.03 -7.99 -23.27
N LEU B 45 11.74 -8.23 -23.48
CA LEU B 45 11.02 -7.62 -24.59
C LEU B 45 9.66 -7.16 -24.09
N ILE B 46 9.37 -5.87 -24.27
CA ILE B 46 8.12 -5.26 -23.82
C ILE B 46 7.43 -4.65 -25.03
N ILE B 47 6.17 -5.02 -25.25
CA ILE B 47 5.41 -4.60 -26.42
C ILE B 47 4.05 -4.07 -25.96
N PHE B 48 3.82 -2.77 -26.16
CA PHE B 48 2.50 -2.18 -26.03
C PHE B 48 1.94 -1.97 -27.43
N ASN B 49 0.69 -2.35 -27.64
CA ASN B 49 0.08 -2.19 -28.96
C ASN B 49 -0.69 -0.87 -29.01
N SER B 50 -1.44 -0.66 -30.11
CA SER B 50 -2.14 0.60 -30.30
C SER B 50 -3.17 0.86 -29.21
N THR B 51 -3.82 -0.20 -28.72
CA THR B 51 -4.83 -0.07 -27.67
C THR B 51 -4.25 -0.24 -26.26
N ASN B 52 -2.92 -0.22 -26.13
CA ASN B 52 -2.24 -0.18 -24.83
C ASN B 52 -2.45 -1.47 -24.03
N LYS B 53 -2.45 -2.61 -24.71
CA LYS B 53 -2.34 -3.90 -24.04
C LYS B 53 -0.87 -4.32 -24.00
N LEU B 54 -0.52 -5.10 -22.99
CA LEU B 54 0.86 -5.46 -22.75
C LEU B 54 1.16 -6.87 -23.26
N PHE B 55 2.24 -6.99 -24.03
CA PHE B 55 2.80 -8.27 -24.44
C PHE B 55 4.27 -8.24 -24.07
N GLN B 56 4.74 -9.26 -23.36
CA GLN B 56 6.11 -9.26 -22.87
C GLN B 56 6.75 -10.63 -23.04
N TYR B 57 8.06 -10.63 -23.27
CA TYR B 57 8.85 -11.84 -23.35
C TYR B 57 10.17 -11.62 -22.62
N ALA B 58 10.61 -12.66 -21.90
CA ALA B 58 11.90 -12.65 -21.21
C ALA B 58 12.51 -14.03 -21.35
N SER B 59 13.80 -14.08 -21.69
CA SER B 59 14.48 -15.37 -21.83
C SER B 59 14.60 -16.09 -20.49
N THR B 60 14.72 -15.35 -19.40
CA THR B 60 14.82 -15.94 -18.07
C THR B 60 13.66 -15.44 -17.23
N ASP B 61 13.87 -14.48 -16.34
CA ASP B 61 12.81 -13.93 -15.49
C ASP B 61 12.76 -12.43 -15.72
N MET B 62 11.60 -11.95 -16.12
CA MET B 62 11.41 -10.56 -16.41
C MET B 62 11.90 -9.66 -15.35
N ASP B 63 11.57 -9.94 -14.12
CA ASP B 63 11.96 -9.10 -13.02
C ASP B 63 13.42 -9.07 -12.73
N LYS B 64 14.08 -10.17 -12.96
CA LYS B 64 15.48 -10.25 -12.71
C LYS B 64 16.19 -9.45 -13.74
N VAL B 65 15.75 -9.56 -14.96
CA VAL B 65 16.40 -8.79 -16.03
C VAL B 65 16.20 -7.30 -15.79
N LEU B 66 15.00 -6.91 -15.36
CA LEU B 66 14.73 -5.49 -15.15
C LEU B 66 15.43 -4.95 -13.92
N LEU B 67 15.53 -5.75 -12.86
CA LEU B 67 16.30 -5.33 -11.69
C LEU B 67 17.78 -5.20 -12.03
N LYS B 68 18.32 -6.17 -12.77
CA LYS B 68 19.68 -6.07 -13.27
C LYS B 68 19.86 -4.88 -14.20
N TYR B 69 18.78 -4.41 -14.83
CA TYR B 69 18.87 -3.26 -15.72
C TYR B 69 19.06 -1.97 -14.93
N THR B 70 18.37 -1.84 -13.79
CA THR B 70 18.45 -0.60 -13.01
C THR B 70 19.80 -0.44 -12.34
N GLU B 71 20.41 -1.53 -11.96
CA GLU B 71 21.69 -1.46 -11.32
C GLU B 71 22.74 -0.93 -12.24
N TYR B 72 22.49 -1.00 -13.51
CA TYR B 72 23.44 -0.56 -14.50
C TYR B 72 23.53 0.94 -14.61
N ASN B 73 24.43 1.54 -13.85
CA ASN B 73 24.65 2.98 -13.89
C ASN B 73 25.86 3.06 -14.77
N GLU B 74 25.67 3.10 -16.06
CA GLU B 74 26.80 3.13 -16.95
C GLU B 74 26.39 3.26 -18.40
N PRO B 75 27.25 4.01 -19.20
CA PRO B 75 26.83 4.12 -20.61
C PRO B 75 26.86 2.82 -21.36
N HIS B 76 26.27 2.80 -22.55
CA HIS B 76 26.22 1.61 -23.34
C HIS B 76 25.56 1.96 -24.63
N GLU B 77 25.37 0.99 -25.50
CA GLU B 77 24.70 1.26 -26.74
C GLU B 77 23.24 1.41 -26.54
N SER B 78 22.68 2.45 -27.11
CA SER B 78 21.23 2.65 -27.09
C SER B 78 20.79 3.09 -28.47
N ARG B 79 19.83 2.34 -29.04
CA ARG B 79 19.29 2.64 -30.35
C ARG B 79 17.81 2.95 -30.23
N THR B 80 17.28 3.64 -31.24
CA THR B 80 15.88 4.00 -31.30
C THR B 80 15.44 3.95 -32.76
N ASN B 81 14.13 4.14 -32.99
CA ASN B 81 13.60 4.09 -34.35
C ASN B 81 14.31 5.11 -35.25
N SER B 82 14.67 6.26 -34.70
CA SER B 82 15.40 7.26 -35.49
C SER B 82 16.75 6.72 -35.94
N ASP B 83 17.49 6.05 -35.05
CA ASP B 83 18.77 5.48 -35.43
C ASP B 83 18.59 4.38 -36.46
N ILE B 84 17.56 3.55 -36.31
CA ILE B 84 17.36 2.43 -37.23
C ILE B 84 16.98 2.94 -38.62
N VAL B 85 16.14 3.97 -38.68
CA VAL B 85 15.70 4.50 -39.98
C VAL B 85 16.88 5.11 -40.73
N GLU B 86 17.76 5.83 -40.02
CA GLU B 86 18.94 6.38 -40.67
C GLU B 86 19.86 5.27 -41.18
N ALA B 87 20.06 4.22 -40.36
CA ALA B 87 20.96 3.15 -40.75
C ALA B 87 20.48 2.43 -42.00
N LEU B 88 19.16 2.20 -42.11
CA LEU B 88 18.62 1.52 -43.28
C LEU B 88 18.55 2.43 -44.49
N ASN B 89 18.86 3.72 -44.36
CA ASN B 89 18.89 4.66 -45.46
C ASN B 89 20.30 4.86 -46.01
N LYS B 90 21.13 3.83 -45.96
CA LYS B 90 22.47 3.89 -46.54
C LYS B 90 22.98 2.48 -46.87
N LYS B 91 22.47 1.90 -47.94
CA LYS B 91 22.88 0.56 -48.36
C LYS B 91 23.12 0.50 -49.86
N THR C 20 -37.60 14.45 16.90
CA THR C 20 -36.57 15.47 16.72
C THR C 20 -35.46 14.97 15.81
N PHE C 21 -35.01 13.73 16.06
CA PHE C 21 -33.89 13.17 15.30
C PHE C 21 -34.21 13.11 13.81
N THR C 22 -35.37 12.56 13.46
CA THR C 22 -35.74 12.45 12.05
C THR C 22 -35.88 13.82 11.39
N LYS C 23 -36.15 14.86 12.17
CA LYS C 23 -36.17 16.21 11.61
C LYS C 23 -34.78 16.83 11.57
N ARG C 24 -33.93 16.50 12.55
CA ARG C 24 -32.53 16.88 12.47
C ARG C 24 -31.85 16.23 11.28
N LYS C 25 -32.23 14.99 10.97
CA LYS C 25 -31.57 14.24 9.90
C LYS C 25 -31.96 14.78 8.53
N PHE C 26 -33.25 15.00 8.30
CA PHE C 26 -33.70 15.47 6.98
C PHE C 26 -33.06 16.83 6.65
N GLY C 27 -32.97 17.71 7.63
CA GLY C 27 -32.31 18.98 7.39
C GLY C 27 -30.85 18.83 7.01
N LEU C 28 -30.19 17.79 7.53
CA LEU C 28 -28.81 17.53 7.13
C LEU C 28 -28.74 17.00 5.71
N MET C 29 -29.70 16.15 5.32
CA MET C 29 -29.71 15.64 3.95
C MET C 29 -30.12 16.73 2.97
N LYS C 30 -31.06 17.59 3.35
CA LYS C 30 -31.44 18.70 2.49
C LYS C 30 -30.25 19.62 2.23
N LYS C 31 -29.46 19.90 3.27
CA LYS C 31 -28.31 20.78 3.10
C LYS C 31 -27.23 20.12 2.24
N ALA C 32 -27.00 18.82 2.42
CA ALA C 32 -26.06 18.11 1.56
C ALA C 32 -26.52 18.12 0.11
N TYR C 33 -27.82 17.96 -0.12
CA TYR C 33 -28.36 18.08 -1.46
C TYR C 33 -28.14 19.49 -2.01
N GLU C 34 -28.34 20.50 -1.19
CA GLU C 34 -28.17 21.88 -1.65
C GLU C 34 -26.73 22.15 -2.05
N LEU C 35 -25.77 21.57 -1.32
CA LEU C 35 -24.37 21.69 -1.73
C LEU C 35 -24.11 20.93 -3.03
N SER C 36 -24.85 19.84 -3.27
CA SER C 36 -24.60 19.01 -4.44
C SER C 36 -24.94 19.76 -5.72
N VAL C 37 -26.18 20.25 -5.84
CA VAL C 37 -26.61 20.85 -7.10
C VAL C 37 -26.05 22.26 -7.28
N LEU C 38 -25.81 22.99 -6.19
CA LEU C 38 -25.35 24.36 -6.32
C LEU C 38 -23.86 24.45 -6.61
N CYS C 39 -23.07 23.50 -6.12
CA CYS C 39 -21.62 23.51 -6.34
C CYS C 39 -21.13 22.30 -7.12
N ASP C 40 -22.04 21.51 -7.69
CA ASP C 40 -21.70 20.37 -8.54
C ASP C 40 -20.72 19.44 -7.84
N CYS C 41 -21.24 18.76 -6.82
CA CYS C 41 -20.43 17.91 -5.95
C CYS C 41 -21.06 16.53 -5.82
N GLU C 42 -20.21 15.51 -5.80
CA GLU C 42 -20.62 14.15 -5.47
C GLU C 42 -20.44 13.96 -3.96
N ILE C 43 -21.53 13.59 -3.28
CA ILE C 43 -21.54 13.55 -1.82
C ILE C 43 -22.08 12.20 -1.34
N ALA C 44 -21.45 11.66 -0.30
CA ALA C 44 -21.92 10.47 0.41
C ALA C 44 -22.05 10.79 1.88
N LEU C 45 -23.11 10.28 2.52
CA LEU C 45 -23.41 10.57 3.91
C LEU C 45 -23.88 9.30 4.58
N ILE C 46 -23.18 8.87 5.63
CA ILE C 46 -23.49 7.63 6.34
C ILE C 46 -23.74 7.98 7.80
N ILE C 47 -24.86 7.48 8.34
CA ILE C 47 -25.33 7.86 9.67
C ILE C 47 -25.79 6.60 10.40
N PHE C 48 -25.14 6.29 11.52
CA PHE C 48 -25.60 5.26 12.45
C PHE C 48 -26.10 5.95 13.72
N ASN C 49 -27.28 5.56 14.18
CA ASN C 49 -27.84 6.17 15.39
C ASN C 49 -27.28 5.46 16.63
N SER C 50 -27.87 5.73 17.79
CA SER C 50 -27.35 5.20 19.04
C SER C 50 -27.37 3.68 19.08
N THR C 51 -28.33 3.05 18.39
CA THR C 51 -28.48 1.60 18.43
C THR C 51 -28.06 0.93 17.12
N ASN C 52 -27.14 1.56 16.39
CA ASN C 52 -26.49 0.96 15.21
C ASN C 52 -27.51 0.64 14.12
N LYS C 53 -28.36 1.62 13.82
CA LYS C 53 -29.31 1.54 12.71
C LYS C 53 -28.85 2.51 11.63
N LEU C 54 -28.81 2.04 10.39
CA LEU C 54 -28.17 2.79 9.31
C LEU C 54 -29.17 3.67 8.56
N PHE C 55 -28.76 4.91 8.31
CA PHE C 55 -29.42 5.82 7.40
C PHE C 55 -28.35 6.42 6.50
N GLN C 56 -28.66 6.61 5.22
CA GLN C 56 -27.62 7.05 4.30
C GLN C 56 -28.19 7.95 3.22
N TYR C 57 -27.30 8.77 2.65
CA TYR C 57 -27.61 9.62 1.53
C TYR C 57 -26.42 9.63 0.58
N ALA C 58 -26.70 9.52 -0.72
CA ALA C 58 -25.71 9.72 -1.76
C ALA C 58 -26.33 10.62 -2.82
N SER C 59 -25.52 11.53 -3.36
CA SER C 59 -26.02 12.44 -4.39
C SER C 59 -26.54 11.67 -5.61
N THR C 60 -25.89 10.57 -5.94
CA THR C 60 -26.30 9.77 -7.10
C THR C 60 -26.25 8.28 -6.79
N ASP C 61 -25.04 7.74 -6.59
CA ASP C 61 -24.84 6.31 -6.36
C ASP C 61 -23.84 6.15 -5.22
N MET C 62 -24.23 5.38 -4.20
CA MET C 62 -23.42 5.31 -3.00
C MET C 62 -22.12 4.53 -3.24
N ASP C 63 -22.24 3.29 -3.74
CA ASP C 63 -21.05 2.49 -4.00
C ASP C 63 -20.15 3.11 -5.05
N LYS C 64 -20.69 3.96 -5.92
CA LYS C 64 -19.86 4.69 -6.87
C LYS C 64 -18.96 5.69 -6.15
N VAL C 65 -19.50 6.43 -5.19
CA VAL C 65 -18.72 7.43 -4.48
C VAL C 65 -17.65 6.76 -3.62
N LEU C 66 -18.02 5.67 -2.91
CA LEU C 66 -17.08 5.01 -2.03
C LEU C 66 -15.94 4.34 -2.79
N LEU C 67 -16.23 3.83 -3.99
CA LEU C 67 -15.16 3.34 -4.86
C LEU C 67 -14.18 4.45 -5.21
N LYS C 68 -14.72 5.60 -5.65
CA LYS C 68 -13.89 6.76 -5.92
C LYS C 68 -13.11 7.19 -4.68
N TYR C 69 -13.63 6.92 -3.49
CA TYR C 69 -12.92 7.25 -2.27
C TYR C 69 -11.74 6.31 -2.05
N THR C 70 -11.96 5.01 -2.20
CA THR C 70 -10.87 4.05 -2.04
C THR C 70 -9.75 4.31 -3.04
N GLU C 71 -10.11 4.59 -4.30
CA GLU C 71 -9.13 4.90 -5.34
C GLU C 71 -8.78 6.40 -5.31
N TYR C 72 -8.20 6.82 -4.19
CA TYR C 72 -7.79 8.22 -4.04
C TYR C 72 -6.48 8.27 -3.27
N ASN C 73 -5.45 8.83 -3.91
CA ASN C 73 -4.10 8.88 -3.35
C ASN C 73 -3.77 10.23 -2.73
N GLU C 74 -4.10 11.32 -3.42
CA GLU C 74 -3.59 12.64 -3.04
C GLU C 74 -3.97 12.97 -1.60
N PRO C 75 -3.10 13.65 -0.85
CA PRO C 75 -3.52 14.24 0.42
C PRO C 75 -4.68 15.20 0.21
N HIS C 76 -5.53 15.31 1.22
CA HIS C 76 -6.80 16.00 1.06
C HIS C 76 -7.28 16.50 2.42
N GLU C 77 -8.29 17.36 2.39
CA GLU C 77 -8.87 17.88 3.62
C GLU C 77 -9.55 16.76 4.39
N SER C 78 -9.10 16.55 5.63
CA SER C 78 -9.69 15.56 6.53
C SER C 78 -9.98 16.24 7.85
N ARG C 79 -11.27 16.34 8.19
CA ARG C 79 -11.72 17.13 9.32
C ARG C 79 -12.26 16.25 10.43
N THR C 80 -11.96 16.62 11.67
CA THR C 80 -12.46 15.96 12.86
C THR C 80 -13.31 16.94 13.66
N ASN C 81 -13.89 16.46 14.76
CA ASN C 81 -14.69 17.32 15.63
C ASN C 81 -13.86 18.46 16.19
N SER C 82 -12.59 18.20 16.49
CA SER C 82 -11.72 19.26 17.01
C SER C 82 -11.50 20.35 15.97
N ASP C 83 -11.54 20.00 14.68
CA ASP C 83 -11.38 21.00 13.63
C ASP C 83 -12.62 21.89 13.51
N ILE C 84 -13.81 21.30 13.71
CA ILE C 84 -15.04 22.08 13.62
C ILE C 84 -15.13 23.06 14.77
N VAL C 85 -14.93 22.59 16.00
CA VAL C 85 -15.07 23.44 17.17
C VAL C 85 -14.00 24.53 17.19
N GLU C 86 -12.79 24.22 16.72
CA GLU C 86 -11.73 25.23 16.69
C GLU C 86 -12.10 26.38 15.75
N ALA C 87 -12.61 26.07 14.56
CA ALA C 87 -13.00 27.11 13.61
C ALA C 87 -14.17 27.94 14.10
N LEU C 88 -15.00 27.39 15.00
CA LEU C 88 -16.17 28.14 15.46
C LEU C 88 -15.79 29.23 16.46
N ASN C 89 -14.70 29.04 17.21
CA ASN C 89 -14.26 30.02 18.18
C ASN C 89 -13.46 31.16 17.55
N LYS C 90 -13.18 31.11 16.25
CA LYS C 90 -12.43 32.15 15.56
C LYS C 90 -13.35 33.15 14.86
N LYS C 91 -14.45 32.68 14.27
CA LYS C 91 -15.43 33.57 13.67
C LYS C 91 -16.54 33.91 14.65
N THR D 20 -18.24 30.82 -1.94
CA THR D 20 -19.15 30.26 -0.94
C THR D 20 -19.16 28.73 -0.98
N PHE D 21 -18.29 28.13 -1.80
CA PHE D 21 -18.11 26.68 -1.72
C PHE D 21 -17.52 26.30 -0.38
N THR D 22 -16.49 27.03 0.07
CA THR D 22 -15.91 26.79 1.38
C THR D 22 -16.93 27.01 2.48
N LYS D 23 -17.77 28.04 2.36
CA LYS D 23 -18.69 28.38 3.43
C LYS D 23 -19.84 27.39 3.51
N ARG D 24 -20.38 26.97 2.36
CA ARG D 24 -21.44 25.98 2.39
C ARG D 24 -20.91 24.58 2.71
N LYS D 25 -19.67 24.28 2.33
CA LYS D 25 -19.07 23.00 2.72
C LYS D 25 -18.86 22.94 4.22
N PHE D 26 -18.26 23.98 4.80
CA PHE D 26 -18.04 24.00 6.24
C PHE D 26 -19.35 23.97 7.00
N GLY D 27 -20.35 24.74 6.55
CA GLY D 27 -21.65 24.69 7.18
C GLY D 27 -22.26 23.31 7.14
N LEU D 28 -22.00 22.54 6.09
CA LEU D 28 -22.46 21.16 6.03
C LEU D 28 -21.74 20.31 7.07
N MET D 29 -20.41 20.46 7.16
CA MET D 29 -19.65 19.70 8.14
C MET D 29 -20.03 20.11 9.57
N LYS D 30 -20.34 21.38 9.78
CA LYS D 30 -20.80 21.83 11.09
C LYS D 30 -22.16 21.22 11.43
N LYS D 31 -23.10 21.27 10.47
CA LYS D 31 -24.41 20.66 10.68
C LYS D 31 -24.31 19.17 10.91
N ALA D 32 -23.34 18.51 10.27
CA ALA D 32 -23.16 17.08 10.48
C ALA D 32 -22.57 16.79 11.85
N TYR D 33 -21.70 17.66 12.35
CA TYR D 33 -21.14 17.50 13.69
C TYR D 33 -22.24 17.58 14.75
N GLU D 34 -23.09 18.62 14.67
CA GLU D 34 -24.11 18.83 15.69
C GLU D 34 -25.04 17.62 15.80
N LEU D 35 -25.31 16.94 14.69
CA LEU D 35 -26.17 15.77 14.74
C LEU D 35 -25.52 14.62 15.49
N SER D 36 -24.19 14.48 15.38
CA SER D 36 -23.51 13.38 16.04
C SER D 36 -23.51 13.55 17.56
N VAL D 37 -23.51 14.78 18.05
CA VAL D 37 -23.48 15.01 19.49
C VAL D 37 -24.87 15.17 20.09
N LEU D 38 -25.81 15.73 19.33
CA LEU D 38 -27.16 15.90 19.85
C LEU D 38 -27.91 14.58 19.95
N CYS D 39 -27.81 13.75 18.91
CA CYS D 39 -28.57 12.51 18.83
C CYS D 39 -27.69 11.27 18.94
N ASP D 40 -26.46 11.42 19.43
CA ASP D 40 -25.57 10.30 19.74
C ASP D 40 -25.39 9.39 18.52
N CYS D 41 -24.87 9.99 17.44
CA CYS D 41 -24.73 9.31 16.17
C CYS D 41 -23.26 9.23 15.75
N GLU D 42 -22.99 8.33 14.81
CA GLU D 42 -21.71 8.25 14.12
C GLU D 42 -21.94 8.61 12.67
N ILE D 43 -21.14 9.55 12.15
CA ILE D 43 -21.43 10.20 10.87
C ILE D 43 -20.17 10.26 10.03
N ALA D 44 -20.30 9.91 8.75
CA ALA D 44 -19.25 10.08 7.76
C ALA D 44 -19.77 10.95 6.61
N LEU D 45 -18.87 11.73 6.03
CA LEU D 45 -19.23 12.67 4.96
C LEU D 45 -18.13 12.67 3.92
N ILE D 46 -18.44 12.22 2.70
CA ILE D 46 -17.52 12.20 1.58
C ILE D 46 -17.99 13.24 0.57
N ILE D 47 -17.08 14.10 0.13
CA ILE D 47 -17.39 15.14 -0.84
C ILE D 47 -16.31 15.17 -1.91
N PHE D 48 -16.72 15.08 -3.17
CA PHE D 48 -15.88 15.37 -4.33
C PHE D 48 -16.48 16.57 -5.05
N ASN D 49 -15.64 17.49 -5.51
CA ASN D 49 -16.14 18.62 -6.27
C ASN D 49 -16.03 18.31 -7.77
N SER D 50 -16.26 19.33 -8.60
CA SER D 50 -16.30 19.11 -10.05
C SER D 50 -14.95 18.68 -10.59
N THR D 51 -13.85 19.06 -9.94
CA THR D 51 -12.51 18.72 -10.39
C THR D 51 -11.98 17.45 -9.73
N ASN D 52 -12.85 16.64 -9.13
CA ASN D 52 -12.47 15.35 -8.53
C ASN D 52 -11.52 15.53 -7.36
N LYS D 53 -11.71 16.60 -6.59
CA LYS D 53 -10.94 16.85 -5.38
C LYS D 53 -11.73 16.41 -4.17
N LEU D 54 -11.06 15.76 -3.22
CA LEU D 54 -11.72 15.13 -2.09
C LEU D 54 -11.72 16.02 -0.85
N PHE D 55 -12.86 16.10 -0.19
CA PHE D 55 -13.00 16.70 1.12
C PHE D 55 -13.81 15.74 1.98
N GLN D 56 -13.32 15.46 3.19
CA GLN D 56 -13.98 14.47 4.04
C GLN D 56 -14.11 14.98 5.47
N TYR D 57 -15.23 14.63 6.10
CA TYR D 57 -15.42 14.82 7.53
C TYR D 57 -15.99 13.53 8.12
N ALA D 58 -15.54 13.20 9.33
CA ALA D 58 -16.10 12.08 10.08
C ALA D 58 -16.09 12.45 11.56
N SER D 59 -17.15 12.05 12.27
CA SER D 59 -17.24 12.33 13.70
C SER D 59 -16.46 11.34 14.55
N THR D 60 -16.02 10.21 13.98
CA THR D 60 -15.28 9.21 14.74
C THR D 60 -14.00 8.84 13.99
N ASP D 61 -14.04 7.71 13.28
CA ASP D 61 -12.92 7.26 12.45
C ASP D 61 -13.49 6.79 11.13
N MET D 62 -13.00 7.36 10.03
CA MET D 62 -13.59 7.08 8.72
C MET D 62 -13.57 5.59 8.42
N ASP D 63 -12.40 4.96 8.52
CA ASP D 63 -12.30 3.55 8.17
C ASP D 63 -13.15 2.66 9.07
N LYS D 64 -13.30 3.04 10.34
CA LYS D 64 -14.18 2.27 11.22
C LYS D 64 -15.65 2.46 10.89
N VAL D 65 -16.03 3.68 10.47
CA VAL D 65 -17.41 3.90 10.05
C VAL D 65 -17.67 3.22 8.71
N LEU D 66 -16.67 3.24 7.82
CA LEU D 66 -16.83 2.59 6.52
C LEU D 66 -16.89 1.08 6.66
N LEU D 67 -16.09 0.51 7.57
CA LEU D 67 -16.14 -0.93 7.81
C LEU D 67 -17.50 -1.35 8.33
N LYS D 68 -18.01 -0.64 9.34
CA LYS D 68 -19.34 -0.92 9.85
C LYS D 68 -20.41 -0.79 8.77
N TYR D 69 -20.13 -0.04 7.70
CA TYR D 69 -21.08 0.08 6.61
C TYR D 69 -21.09 -1.16 5.72
N THR D 70 -19.91 -1.71 5.43
CA THR D 70 -19.85 -2.90 4.58
C THR D 70 -20.56 -4.09 5.24
N GLU D 71 -20.55 -4.15 6.57
CA GLU D 71 -21.16 -5.26 7.28
C GLU D 71 -22.67 -5.21 7.24
N TYR D 72 -23.25 -4.06 6.91
CA TYR D 72 -24.69 -3.83 7.02
C TYR D 72 -25.41 -4.55 5.88
N ASN D 73 -26.19 -5.57 6.23
CA ASN D 73 -26.81 -6.45 5.25
C ASN D 73 -28.30 -6.19 5.03
N GLU D 74 -29.03 -5.71 6.05
CA GLU D 74 -30.47 -5.62 5.98
C GLU D 74 -30.91 -4.28 5.40
N PRO D 75 -32.16 -4.18 4.95
CA PRO D 75 -32.62 -2.92 4.33
C PRO D 75 -32.63 -1.75 5.32
N HIS D 76 -32.48 -0.55 4.76
CA HIS D 76 -32.39 0.67 5.54
C HIS D 76 -32.79 1.84 4.66
N GLU D 77 -32.99 3.01 5.28
CA GLU D 77 -33.32 4.21 4.53
C GLU D 77 -32.14 4.62 3.66
N SER D 78 -32.41 4.76 2.35
CA SER D 78 -31.36 5.13 1.39
C SER D 78 -31.94 6.15 0.43
N ARG D 79 -31.39 7.36 0.45
CA ARG D 79 -31.92 8.48 -0.31
C ARG D 79 -30.90 9.01 -1.30
N THR D 80 -31.40 9.70 -2.32
CA THR D 80 -30.60 10.35 -3.35
C THR D 80 -31.12 11.76 -3.56
N ASN D 81 -30.46 12.50 -4.46
CA ASN D 81 -30.97 13.81 -4.85
C ASN D 81 -32.40 13.71 -5.38
N SER D 82 -32.68 12.64 -6.13
CA SER D 82 -34.02 12.44 -6.67
C SER D 82 -35.06 12.32 -5.56
N ASP D 83 -34.77 11.52 -4.54
CA ASP D 83 -35.69 11.36 -3.42
C ASP D 83 -35.90 12.69 -2.69
N ILE D 84 -34.83 13.48 -2.54
CA ILE D 84 -34.93 14.74 -1.82
C ILE D 84 -35.76 15.75 -2.62
N VAL D 85 -35.64 15.72 -3.95
CA VAL D 85 -36.34 16.70 -4.78
C VAL D 85 -37.83 16.39 -4.85
N GLU D 86 -38.18 15.11 -5.07
CA GLU D 86 -39.59 14.72 -5.09
C GLU D 86 -40.28 15.09 -3.78
N ALA D 87 -39.56 14.97 -2.65
CA ALA D 87 -40.15 15.33 -1.36
C ALA D 87 -40.32 16.85 -1.25
N LEU D 88 -39.29 17.61 -1.62
CA LEU D 88 -39.35 19.05 -1.48
C LEU D 88 -40.41 19.66 -2.38
N ASN D 89 -40.75 18.98 -3.47
CA ASN D 89 -41.76 19.46 -4.40
C ASN D 89 -43.18 19.07 -4.01
N LYS D 90 -43.35 18.36 -2.89
CA LYS D 90 -44.69 18.08 -2.36
C LYS D 90 -45.19 19.33 -1.63
N LYS D 91 -45.46 20.37 -2.41
CA LYS D 91 -45.93 21.65 -1.89
C LYS D 91 -47.10 22.17 -2.70
N LEU E 14 6.63 25.78 -0.60
CA LEU E 14 5.67 24.80 -0.08
C LEU E 14 4.56 24.53 -1.09
N ASP E 15 4.77 24.93 -2.35
CA ASP E 15 3.74 24.74 -3.38
C ASP E 15 3.75 23.34 -3.95
N ARG E 16 4.79 23.00 -4.73
CA ARG E 16 5.15 21.68 -5.25
C ARG E 16 4.41 21.32 -6.53
N SER E 17 3.42 22.09 -6.97
CA SER E 17 2.58 21.67 -8.08
C SER E 17 3.31 21.65 -9.42
N ASN E 18 4.44 22.35 -9.54
CA ASN E 18 5.23 22.35 -10.77
C ASN E 18 6.62 21.74 -10.57
N ASP E 19 6.81 20.97 -9.50
CA ASP E 19 8.11 20.43 -9.14
C ASP E 19 8.15 18.97 -9.56
N LYS E 20 8.83 18.69 -10.69
CA LYS E 20 8.98 17.31 -11.14
C LYS E 20 9.86 16.51 -10.20
N VAL E 21 10.91 17.15 -9.64
CA VAL E 21 11.82 16.46 -8.73
C VAL E 21 11.07 15.95 -7.51
N TYR E 22 10.23 16.81 -6.91
CA TYR E 22 9.46 16.40 -5.75
C TYR E 22 8.57 15.20 -6.07
N GLU E 23 7.97 15.18 -7.26
CA GLU E 23 7.11 14.06 -7.64
C GLU E 23 7.90 12.76 -7.70
N ASN E 24 9.13 12.81 -8.23
CA ASN E 24 9.91 11.58 -8.40
C ASN E 24 10.49 11.10 -7.08
N VAL E 25 10.97 12.01 -6.23
CA VAL E 25 11.39 11.62 -4.89
C VAL E 25 10.22 11.03 -4.12
N THR E 26 9.03 11.63 -4.26
CA THR E 26 7.84 11.08 -3.64
C THR E 26 7.54 9.67 -4.16
N GLY E 27 7.59 9.50 -5.48
CA GLY E 27 7.33 8.19 -6.05
C GLY E 27 8.38 7.15 -5.70
N LEU E 28 9.61 7.60 -5.39
CA LEU E 28 10.66 6.67 -5.01
C LEU E 28 10.42 6.13 -3.60
N VAL E 29 10.15 7.02 -2.65
CA VAL E 29 9.94 6.59 -1.27
C VAL E 29 8.64 5.79 -1.13
N LYS E 30 7.65 6.08 -1.98
CA LYS E 30 6.44 5.25 -2.01
C LYS E 30 6.78 3.80 -2.35
N ALA E 31 7.63 3.60 -3.35
CA ALA E 31 8.02 2.24 -3.75
C ALA E 31 8.80 1.55 -2.63
N VAL E 32 9.66 2.30 -1.94
CA VAL E 32 10.38 1.74 -0.80
C VAL E 32 9.40 1.24 0.26
N ILE E 33 8.41 2.08 0.60
CA ILE E 33 7.42 1.72 1.60
C ILE E 33 6.67 0.46 1.18
N GLU E 34 6.34 0.36 -0.11
CA GLU E 34 5.62 -0.83 -0.59
C GLU E 34 6.45 -2.09 -0.40
N MET E 35 7.75 -2.01 -0.70
CA MET E 35 8.64 -3.13 -0.42
C MET E 35 8.77 -3.34 1.09
N SER E 36 8.90 -2.24 1.85
CA SER E 36 9.05 -2.36 3.29
C SER E 36 7.80 -2.92 3.94
N SER E 37 6.62 -2.50 3.48
CA SER E 37 5.37 -2.95 4.10
C SER E 37 5.14 -4.44 3.89
N LYS E 38 5.71 -5.02 2.83
CA LYS E 38 5.54 -6.45 2.60
C LYS E 38 6.62 -7.27 3.30
N ILE E 39 7.80 -6.70 3.52
CA ILE E 39 8.86 -7.42 4.24
C ILE E 39 8.49 -7.57 5.71
N GLN E 40 8.06 -6.56 6.30
CA GLN E 40 7.71 -6.37 7.70
C GLN E 40 6.21 -6.46 7.88
N PRO E 41 5.72 -7.22 8.87
CA PRO E 41 4.27 -7.34 9.07
C PRO E 41 3.64 -5.99 9.37
N ALA E 42 2.37 -5.87 9.01
CA ALA E 42 1.65 -4.63 9.27
C ALA E 42 1.15 -4.61 10.71
N PRO E 43 1.24 -3.46 11.37
CA PRO E 43 0.76 -3.36 12.76
C PRO E 43 -0.73 -3.60 12.84
N PRO E 44 -1.25 -3.98 14.01
CA PRO E 44 -2.68 -4.35 14.11
C PRO E 44 -3.64 -3.19 13.92
N GLU E 45 -3.17 -1.94 13.97
CA GLU E 45 -4.07 -0.82 13.74
C GLU E 45 -4.61 -0.82 12.32
N GLU E 46 -3.76 -1.22 11.35
CA GLU E 46 -4.13 -1.25 9.94
C GLU E 46 -5.15 -2.32 9.61
N TYR E 47 -5.57 -3.14 10.58
CA TYR E 47 -6.46 -4.25 10.25
C TYR E 47 -7.83 -3.76 9.80
N VAL E 48 -8.27 -2.61 10.30
CA VAL E 48 -9.58 -2.07 9.94
C VAL E 48 -9.59 -1.53 8.51
N PRO E 49 -8.60 -0.73 8.08
CA PRO E 49 -8.59 -0.32 6.66
C PRO E 49 -8.50 -1.48 5.68
N MET E 50 -7.70 -2.50 6.00
CA MET E 50 -7.57 -3.64 5.09
C MET E 50 -8.86 -4.42 4.98
N VAL E 51 -9.49 -4.73 6.12
CA VAL E 51 -10.75 -5.46 6.10
C VAL E 51 -11.86 -4.60 5.50
N LYS E 52 -11.77 -3.28 5.68
CA LYS E 52 -12.75 -2.38 5.05
C LYS E 52 -12.80 -2.61 3.55
N GLU E 53 -11.63 -2.72 2.91
CA GLU E 53 -11.58 -2.85 1.46
C GLU E 53 -12.07 -4.22 1.01
N VAL E 54 -11.88 -5.24 1.84
CA VAL E 54 -12.46 -6.55 1.53
C VAL E 54 -13.98 -6.47 1.54
N GLY E 55 -14.54 -5.75 2.53
CA GLY E 55 -15.99 -5.64 2.62
C GLY E 55 -16.59 -4.75 1.54
N LEU E 56 -15.86 -3.71 1.13
CA LEU E 56 -16.33 -2.88 0.04
C LEU E 56 -16.36 -3.66 -1.27
N ALA E 57 -15.30 -4.43 -1.56
CA ALA E 57 -15.30 -5.25 -2.77
C ALA E 57 -16.39 -6.29 -2.73
N LEU E 58 -16.68 -6.85 -1.55
CA LEU E 58 -17.75 -7.85 -1.45
C LEU E 58 -19.12 -7.21 -1.64
N ARG E 59 -19.32 -6.01 -1.10
CA ARG E 59 -20.60 -5.33 -1.28
C ARG E 59 -20.84 -5.01 -2.74
N THR E 60 -19.79 -4.62 -3.47
CA THR E 60 -19.91 -4.39 -4.91
C THR E 60 -20.26 -5.69 -5.63
N LEU E 61 -19.61 -6.79 -5.24
CA LEU E 61 -19.87 -8.07 -5.88
C LEU E 61 -21.31 -8.53 -5.64
N LEU E 62 -21.75 -8.51 -4.38
CA LEU E 62 -23.10 -8.96 -4.06
C LEU E 62 -24.17 -8.08 -4.69
N ALA E 63 -23.88 -6.78 -4.86
CA ALA E 63 -24.82 -5.92 -5.57
C ALA E 63 -24.95 -6.34 -7.03
N THR E 64 -23.82 -6.67 -7.67
CA THR E 64 -23.86 -7.12 -9.05
C THR E 64 -24.62 -8.42 -9.20
N VAL E 65 -24.41 -9.35 -8.26
CA VAL E 65 -25.07 -10.66 -8.36
C VAL E 65 -26.57 -10.52 -8.18
N ASP E 66 -27.01 -9.61 -7.31
CA ASP E 66 -28.44 -9.43 -7.09
C ASP E 66 -29.14 -8.91 -8.35
N GLU E 67 -28.51 -7.95 -9.05
CA GLU E 67 -29.12 -7.44 -10.27
C GLU E 67 -29.02 -8.42 -11.43
N THR E 68 -28.10 -9.37 -11.37
CA THR E 68 -27.90 -10.33 -12.46
C THR E 68 -28.82 -11.55 -12.34
N ILE E 69 -29.25 -11.90 -11.12
CA ILE E 69 -30.00 -13.14 -10.91
C ILE E 69 -31.21 -13.27 -11.83
N PRO E 70 -32.10 -12.28 -11.95
CA PRO E 70 -33.31 -12.48 -12.79
C PRO E 70 -33.02 -12.77 -14.26
N ALA E 71 -31.80 -12.58 -14.74
CA ALA E 71 -31.43 -12.94 -16.10
C ALA E 71 -31.02 -14.40 -16.25
N LEU E 72 -30.86 -15.13 -15.15
CA LEU E 72 -30.41 -16.50 -15.13
C LEU E 72 -31.56 -17.46 -14.88
N PRO E 73 -31.41 -18.74 -15.18
CA PRO E 73 -32.51 -19.69 -14.99
C PRO E 73 -32.93 -19.81 -13.54
N ALA E 74 -34.25 -19.94 -13.33
CA ALA E 74 -34.79 -19.96 -11.97
C ALA E 74 -34.30 -21.16 -11.17
N SER E 75 -33.99 -22.27 -11.83
CA SER E 75 -33.51 -23.45 -11.12
C SER E 75 -32.16 -23.21 -10.46
N THR E 76 -31.46 -22.15 -10.84
CA THR E 76 -30.16 -21.82 -10.29
C THR E 76 -30.23 -20.74 -9.22
N HIS E 77 -31.41 -20.24 -8.90
CA HIS E 77 -31.53 -19.14 -7.94
C HIS E 77 -31.12 -19.60 -6.54
N ARG E 78 -31.61 -20.76 -6.10
CA ARG E 78 -31.34 -21.21 -4.73
C ARG E 78 -29.85 -21.41 -4.51
N GLU E 79 -29.16 -22.04 -5.46
CA GLU E 79 -27.74 -22.30 -5.29
C GLU E 79 -26.94 -21.01 -5.20
N ILE E 80 -27.31 -20.01 -6.00
CA ILE E 80 -26.58 -18.74 -5.98
C ILE E 80 -26.84 -17.99 -4.68
N GLU E 81 -28.10 -17.91 -4.27
CA GLU E 81 -28.46 -17.16 -3.06
C GLU E 81 -27.78 -17.76 -1.83
N MET E 82 -27.66 -19.09 -1.77
CA MET E 82 -26.97 -19.72 -0.65
C MET E 82 -25.48 -19.36 -0.63
N ALA E 83 -24.87 -19.26 -1.81
CA ALA E 83 -23.47 -18.85 -1.88
C ALA E 83 -23.29 -17.40 -1.44
N GLN E 84 -24.26 -16.55 -1.77
CA GLN E 84 -24.23 -15.16 -1.33
C GLN E 84 -24.34 -15.07 0.19
N LYS E 85 -25.35 -15.73 0.76
CA LYS E 85 -25.51 -15.77 2.22
C LYS E 85 -24.25 -16.29 2.88
N LEU E 86 -23.56 -17.24 2.24
CA LEU E 86 -22.31 -17.76 2.80
C LEU E 86 -21.24 -16.69 2.83
N LEU E 87 -21.20 -15.81 1.83
CA LEU E 87 -20.21 -14.75 1.81
C LEU E 87 -20.51 -13.69 2.86
N ASN E 88 -21.80 -13.40 3.09
CA ASN E 88 -22.18 -12.52 4.20
C ASN E 88 -21.65 -13.07 5.51
N SER E 89 -21.80 -14.38 5.73
CA SER E 89 -21.32 -14.99 6.97
C SER E 89 -19.79 -14.94 7.05
N ASP E 90 -19.11 -15.21 5.93
CA ASP E 90 -17.65 -15.16 5.93
C ASP E 90 -17.14 -13.79 6.34
N LEU E 91 -17.77 -12.72 5.81
CA LEU E 91 -17.36 -11.37 6.16
C LEU E 91 -17.48 -11.13 7.65
N GLY E 92 -18.62 -11.50 8.24
CA GLY E 92 -18.80 -11.33 9.68
C GLY E 92 -17.78 -12.12 10.49
N GLU E 93 -17.46 -13.33 10.04
CA GLU E 93 -16.42 -14.12 10.70
C GLU E 93 -15.07 -13.40 10.63
N LEU E 94 -14.73 -12.86 9.47
CA LEU E 94 -13.47 -12.16 9.31
C LEU E 94 -13.41 -10.93 10.20
N ILE E 95 -14.52 -10.22 10.33
CA ILE E 95 -14.57 -9.01 11.16
C ILE E 95 -14.37 -9.38 12.63
N SER E 96 -15.04 -10.45 13.09
CA SER E 96 -14.87 -10.89 14.47
C SER E 96 -13.43 -11.30 14.74
N LYS E 97 -12.84 -12.10 13.85
CA LYS E 97 -11.45 -12.52 14.03
C LYS E 97 -10.52 -11.32 14.08
N MET E 98 -10.79 -10.30 13.27
CA MET E 98 -9.95 -9.11 13.29
C MET E 98 -10.06 -8.38 14.62
N LYS E 99 -11.29 -8.21 15.13
CA LYS E 99 -11.47 -7.51 16.40
C LYS E 99 -10.77 -8.23 17.54
N LEU E 100 -10.67 -9.55 17.47
CA LEU E 100 -9.93 -10.29 18.49
C LEU E 100 -8.43 -10.16 18.28
N ALA E 101 -7.97 -10.18 17.03
CA ALA E 101 -6.55 -9.97 16.77
C ALA E 101 -6.08 -8.60 17.24
N GLN E 102 -6.97 -7.61 17.22
CA GLN E 102 -6.66 -6.28 17.75
C GLN E 102 -6.84 -6.19 19.25
N GLN E 103 -7.49 -7.16 19.88
CA GLN E 103 -7.66 -7.14 21.34
C GLN E 103 -6.47 -7.75 22.05
N TYR E 104 -5.89 -8.80 21.50
CA TYR E 104 -4.75 -9.49 22.11
C TYR E 104 -3.45 -9.09 21.39
N VAL E 105 -3.13 -7.79 21.47
CA VAL E 105 -2.00 -7.25 20.72
C VAL E 105 -0.68 -7.67 21.37
N MET E 106 -0.39 -7.15 22.56
CA MET E 106 0.87 -7.45 23.22
C MET E 106 0.85 -8.79 23.95
N THR E 107 -0.29 -9.49 23.97
CA THR E 107 -0.36 -10.78 24.65
C THR E 107 0.21 -11.87 23.75
N SER E 108 0.28 -13.08 24.32
CA SER E 108 0.81 -14.23 23.59
C SER E 108 -0.19 -14.80 22.59
N LEU E 109 -1.45 -14.39 22.65
CA LEU E 109 -2.45 -14.82 21.69
C LEU E 109 -2.53 -13.91 20.48
N GLN E 110 -1.58 -12.96 20.35
CA GLN E 110 -1.50 -12.15 19.15
C GLN E 110 -1.30 -13.02 17.91
N GLN E 111 -0.31 -13.90 17.96
CA GLN E 111 -0.03 -14.76 16.81
C GLN E 111 -1.20 -15.68 16.48
N GLU E 112 -1.96 -16.09 17.51
CA GLU E 112 -3.02 -17.06 17.28
C GLU E 112 -4.24 -16.42 16.61
N TYR E 113 -4.71 -15.28 17.15
CA TYR E 113 -5.89 -14.64 16.58
C TYR E 113 -5.57 -13.96 15.25
N LYS E 114 -4.32 -13.55 15.04
CA LYS E 114 -3.91 -13.09 13.73
C LYS E 114 -4.08 -14.20 12.69
N LYS E 115 -3.61 -15.42 13.03
CA LYS E 115 -3.70 -16.54 12.10
C LYS E 115 -5.14 -16.94 11.84
N GLN E 116 -6.00 -16.85 12.86
CA GLN E 116 -7.41 -17.15 12.65
C GLN E 116 -8.06 -16.11 11.75
N MET E 117 -7.55 -14.88 11.75
CA MET E 117 -8.06 -13.85 10.85
C MET E 117 -7.65 -14.13 9.41
N LEU E 118 -6.36 -14.44 9.19
CA LEU E 118 -5.88 -14.75 7.85
C LEU E 118 -6.60 -15.96 7.27
N THR E 119 -6.83 -16.98 8.10
CA THR E 119 -7.55 -18.16 7.62
C THR E 119 -8.98 -17.81 7.24
N ALA E 120 -9.63 -16.93 8.00
CA ALA E 120 -10.98 -16.52 7.68
C ALA E 120 -11.04 -15.72 6.38
N ALA E 121 -9.98 -14.95 6.09
CA ALA E 121 -9.94 -14.23 4.83
C ALA E 121 -9.66 -15.17 3.66
N HIS E 122 -8.82 -16.18 3.90
CA HIS E 122 -8.56 -17.19 2.87
C HIS E 122 -9.83 -17.95 2.51
N ALA E 123 -10.67 -18.24 3.50
CA ALA E 123 -11.92 -18.94 3.23
C ALA E 123 -12.87 -18.10 2.39
N LEU E 124 -12.88 -16.78 2.60
CA LEU E 124 -13.77 -15.91 1.86
C LEU E 124 -13.40 -15.86 0.38
N ALA E 125 -12.10 -15.87 0.07
CA ALA E 125 -11.68 -15.88 -1.32
C ALA E 125 -12.08 -17.18 -2.01
N VAL E 126 -11.99 -18.31 -1.29
CA VAL E 126 -12.41 -19.58 -1.85
C VAL E 126 -13.91 -19.58 -2.11
N ASP E 127 -14.70 -19.20 -1.09
CA ASP E 127 -16.14 -19.15 -1.26
C ASP E 127 -16.56 -18.11 -2.29
N ALA E 128 -15.72 -17.10 -2.54
CA ALA E 128 -15.98 -16.18 -3.64
C ALA E 128 -15.79 -16.89 -4.97
N LYS E 129 -14.68 -17.62 -5.12
CA LYS E 129 -14.44 -18.38 -6.35
C LYS E 129 -15.51 -19.43 -6.58
N ASN E 130 -16.08 -19.98 -5.49
CA ASN E 130 -17.18 -20.93 -5.65
C ASN E 130 -18.41 -20.25 -6.24
N LEU E 131 -18.69 -19.01 -5.82
CA LEU E 131 -19.81 -18.27 -6.40
C LEU E 131 -19.60 -18.03 -7.88
N LEU E 132 -18.38 -17.69 -8.28
CA LEU E 132 -18.09 -17.49 -9.70
C LEU E 132 -18.38 -18.76 -10.49
N ASP E 133 -17.96 -19.92 -9.98
CA ASP E 133 -18.22 -21.17 -10.68
C ASP E 133 -19.69 -21.54 -10.66
N VAL E 134 -20.40 -21.21 -9.58
CA VAL E 134 -21.84 -21.46 -9.53
C VAL E 134 -22.55 -20.65 -10.61
N ILE E 135 -22.13 -19.40 -10.81
CA ILE E 135 -22.75 -18.55 -11.82
C ILE E 135 -22.32 -18.97 -13.22
N ASP E 136 -21.02 -19.23 -13.42
CA ASP E 136 -20.54 -19.73 -14.70
C ASP E 136 -21.31 -20.98 -15.12
N GLN E 137 -21.56 -21.89 -14.17
CA GLN E 137 -22.33 -23.09 -14.47
C GLN E 137 -23.75 -22.74 -14.88
N ALA E 138 -24.37 -21.78 -14.20
CA ALA E 138 -25.73 -21.39 -14.50
C ALA E 138 -25.83 -20.67 -15.85
N ARG E 139 -24.73 -20.13 -16.36
CA ARG E 139 -24.78 -19.38 -17.61
C ARG E 139 -24.87 -20.27 -18.83
N LEU E 140 -24.43 -21.53 -18.73
CA LEU E 140 -24.40 -22.41 -19.89
C LEU E 140 -25.82 -22.88 -20.18
N LYS E 141 -26.51 -22.12 -21.04
CA LYS E 141 -27.85 -22.45 -21.48
C LYS E 141 -27.99 -22.13 -22.97
N LEU F 14 -13.82 -19.46 -22.70
CA LEU F 14 -14.45 -18.60 -21.70
C LEU F 14 -13.92 -17.16 -21.81
N ASP F 15 -14.56 -16.38 -22.66
CA ASP F 15 -14.22 -14.97 -22.80
C ASP F 15 -14.78 -14.17 -21.64
N ARG F 16 -13.93 -13.38 -20.99
CA ARG F 16 -14.30 -12.61 -19.82
C ARG F 16 -14.48 -11.12 -20.11
N SER F 17 -14.60 -10.73 -21.38
CA SER F 17 -14.65 -9.31 -21.72
C SER F 17 -15.91 -8.65 -21.20
N ASN F 18 -16.99 -9.41 -21.00
CA ASN F 18 -18.29 -8.85 -20.65
C ASN F 18 -18.84 -9.44 -19.36
N ASP F 19 -17.97 -9.99 -18.51
CA ASP F 19 -18.37 -10.66 -17.28
C ASP F 19 -18.08 -9.72 -16.10
N LYS F 20 -19.12 -9.06 -15.59
CA LYS F 20 -18.93 -8.20 -14.43
C LYS F 20 -18.76 -9.04 -13.16
N VAL F 21 -19.47 -10.17 -13.07
CA VAL F 21 -19.29 -11.07 -11.94
C VAL F 21 -17.84 -11.47 -11.80
N TYR F 22 -17.20 -11.82 -12.92
CA TYR F 22 -15.77 -12.14 -12.91
C TYR F 22 -14.94 -10.95 -12.43
N GLU F 23 -15.27 -9.76 -12.94
CA GLU F 23 -14.52 -8.57 -12.55
C GLU F 23 -14.58 -8.33 -11.05
N ASN F 24 -15.78 -8.45 -10.46
CA ASN F 24 -15.92 -8.16 -9.04
C ASN F 24 -15.32 -9.28 -8.18
N VAL F 25 -15.46 -10.54 -8.62
CA VAL F 25 -14.86 -11.65 -7.88
C VAL F 25 -13.34 -11.53 -7.89
N THR F 26 -12.77 -11.24 -9.06
CA THR F 26 -11.32 -11.04 -9.15
C THR F 26 -10.89 -9.85 -8.29
N GLY F 27 -11.68 -8.78 -8.29
CA GLY F 27 -11.37 -7.66 -7.41
C GLY F 27 -11.44 -8.03 -5.94
N LEU F 28 -12.40 -8.89 -5.58
CA LEU F 28 -12.53 -9.33 -4.19
C LEU F 28 -11.35 -10.20 -3.79
N VAL F 29 -10.98 -11.16 -4.65
CA VAL F 29 -9.83 -12.02 -4.36
C VAL F 29 -8.56 -11.19 -4.21
N LYS F 30 -8.42 -10.14 -5.03
CA LYS F 30 -7.20 -9.33 -4.99
C LYS F 30 -7.05 -8.62 -3.65
N ALA F 31 -8.14 -8.07 -3.12
CA ALA F 31 -8.06 -7.38 -1.84
C ALA F 31 -7.70 -8.33 -0.70
N VAL F 32 -8.11 -9.59 -0.80
CA VAL F 32 -7.77 -10.56 0.22
C VAL F 32 -6.29 -10.93 0.15
N ILE F 33 -5.80 -11.24 -1.07
CA ILE F 33 -4.38 -11.51 -1.25
C ILE F 33 -3.55 -10.32 -0.81
N GLU F 34 -3.96 -9.12 -1.20
CA GLU F 34 -3.26 -7.90 -0.81
C GLU F 34 -3.18 -7.77 0.71
N MET F 35 -4.32 -8.00 1.39
CA MET F 35 -4.33 -7.93 2.84
C MET F 35 -3.41 -8.97 3.46
N SER F 36 -3.42 -10.20 2.93
CA SER F 36 -2.60 -11.26 3.50
C SER F 36 -1.10 -10.98 3.30
N SER F 37 -0.73 -10.30 2.22
CA SER F 37 0.68 -10.04 1.97
C SER F 37 1.23 -8.97 2.89
N LYS F 38 0.38 -8.05 3.36
CA LYS F 38 0.83 -7.02 4.29
C LYS F 38 0.86 -7.50 5.73
N ILE F 39 0.00 -8.46 6.08
CA ILE F 39 0.01 -9.04 7.41
C ILE F 39 1.08 -10.12 7.52
N GLN F 40 1.13 -11.02 6.55
CA GLN F 40 1.99 -12.18 6.60
C GLN F 40 3.12 -12.04 5.59
N PRO F 41 4.33 -11.67 6.03
CA PRO F 41 5.55 -11.54 5.22
C PRO F 41 6.07 -12.91 4.82
N ALA F 42 7.02 -13.08 3.88
CA ALA F 42 7.50 -12.18 2.82
C ALA F 42 8.52 -13.02 2.08
N PRO F 43 8.07 -14.09 1.42
CA PRO F 43 9.02 -15.09 0.92
C PRO F 43 10.07 -14.46 0.03
N PRO F 44 11.34 -14.53 0.39
CA PRO F 44 12.39 -14.12 -0.54
C PRO F 44 12.25 -14.91 -1.84
N GLU F 45 12.84 -14.35 -2.90
CA GLU F 45 12.58 -14.66 -4.31
C GLU F 45 11.40 -13.84 -4.80
N GLU F 46 10.38 -13.67 -3.94
CA GLU F 46 9.30 -12.73 -4.21
C GLU F 46 9.74 -11.28 -3.99
N TYR F 47 10.88 -11.08 -3.32
CA TYR F 47 11.43 -9.74 -3.14
C TYR F 47 11.79 -9.10 -4.49
N VAL F 48 12.12 -9.91 -5.49
CA VAL F 48 12.76 -9.38 -6.70
C VAL F 48 11.90 -8.32 -7.39
N PRO F 49 10.60 -8.54 -7.63
CA PRO F 49 9.81 -7.44 -8.23
C PRO F 49 9.70 -6.22 -7.34
N MET F 50 9.70 -6.39 -6.01
CA MET F 50 9.61 -5.23 -5.12
C MET F 50 10.84 -4.35 -5.26
N VAL F 51 12.03 -4.95 -5.22
CA VAL F 51 13.26 -4.17 -5.34
C VAL F 51 13.42 -3.61 -6.74
N LYS F 52 12.90 -4.32 -7.76
CA LYS F 52 12.93 -3.80 -9.12
C LYS F 52 12.20 -2.47 -9.21
N GLU F 53 10.98 -2.41 -8.67
CA GLU F 53 10.21 -1.17 -8.74
C GLU F 53 10.89 -0.05 -7.97
N VAL F 54 11.67 -0.38 -6.94
CA VAL F 54 12.49 0.62 -6.27
C VAL F 54 13.56 1.14 -7.22
N GLY F 55 14.23 0.24 -7.94
CA GLY F 55 15.26 0.66 -8.87
C GLY F 55 14.72 1.42 -10.06
N LEU F 56 13.52 1.08 -10.52
CA LEU F 56 12.91 1.80 -11.63
C LEU F 56 12.53 3.21 -11.23
N ALA F 57 11.83 3.35 -10.09
CA ALA F 57 11.48 4.68 -9.61
C ALA F 57 12.71 5.53 -9.29
N LEU F 58 13.84 4.88 -9.01
CA LEU F 58 15.08 5.63 -8.81
C LEU F 58 15.66 6.12 -10.13
N ARG F 59 15.54 5.33 -11.17
CA ARG F 59 16.07 5.73 -12.44
C ARG F 59 15.40 6.95 -13.00
N THR F 60 14.10 6.98 -13.02
CA THR F 60 13.39 8.16 -13.53
C THR F 60 13.72 9.40 -12.72
N LEU F 61 13.98 9.26 -11.43
CA LEU F 61 14.36 10.41 -10.61
C LEU F 61 15.73 10.94 -11.02
N LEU F 62 16.70 10.05 -11.20
CA LEU F 62 18.05 10.49 -11.57
C LEU F 62 18.07 11.07 -12.97
N ALA F 63 17.31 10.48 -13.90
CA ALA F 63 17.22 11.05 -15.24
C ALA F 63 16.50 12.41 -15.22
N THR F 64 15.52 12.57 -14.32
CA THR F 64 14.91 13.87 -14.13
C THR F 64 15.93 14.89 -13.64
N VAL F 65 16.79 14.48 -12.71
CA VAL F 65 17.80 15.40 -12.18
C VAL F 65 18.86 15.70 -13.24
N ASP F 66 19.24 14.70 -14.03
CA ASP F 66 20.28 14.90 -15.04
C ASP F 66 19.88 16.01 -16.02
N GLU F 67 18.63 16.04 -16.44
CA GLU F 67 18.16 17.09 -17.34
C GLU F 67 17.80 18.38 -16.61
N THR F 68 17.75 18.37 -15.28
CA THR F 68 17.41 19.55 -14.51
C THR F 68 18.64 20.33 -14.03
N ILE F 69 19.74 19.62 -13.75
CA ILE F 69 20.92 20.28 -13.19
C ILE F 69 21.38 21.49 -14.01
N PRO F 70 21.52 21.42 -15.33
CA PRO F 70 22.06 22.58 -16.07
C PRO F 70 21.25 23.86 -15.92
N ALA F 71 19.98 23.78 -15.51
CA ALA F 71 19.19 24.98 -15.26
C ALA F 71 19.44 25.57 -13.88
N LEU F 72 20.25 24.92 -13.05
CA LEU F 72 20.58 25.35 -11.71
C LEU F 72 21.97 25.96 -11.66
N PRO F 73 22.26 26.80 -10.67
CA PRO F 73 23.56 27.48 -10.64
C PRO F 73 24.72 26.51 -10.47
N ALA F 74 25.88 26.90 -11.01
CA ALA F 74 27.05 26.02 -11.00
C ALA F 74 27.52 25.73 -9.57
N SER F 75 27.34 26.68 -8.66
CA SER F 75 27.81 26.50 -7.28
C SER F 75 27.10 25.35 -6.56
N THR F 76 26.07 24.77 -7.16
CA THR F 76 25.33 23.67 -6.56
C THR F 76 25.46 22.37 -7.35
N HIS F 77 26.20 22.37 -8.47
CA HIS F 77 26.23 21.21 -9.34
C HIS F 77 26.78 19.99 -8.63
N ARG F 78 27.92 20.13 -7.95
CA ARG F 78 28.62 18.97 -7.44
C ARG F 78 28.09 18.50 -6.09
N GLU F 79 27.43 19.39 -5.34
CA GLU F 79 26.70 18.92 -4.15
C GLU F 79 25.51 18.05 -4.55
N ILE F 80 24.93 18.29 -5.72
CA ILE F 80 23.83 17.48 -6.20
C ILE F 80 24.34 16.16 -6.78
N GLU F 81 25.46 16.20 -7.51
CA GLU F 81 25.97 14.99 -8.14
C GLU F 81 26.40 13.95 -7.12
N MET F 82 26.81 14.39 -5.92
CA MET F 82 27.24 13.44 -4.90
C MET F 82 26.04 12.73 -4.27
N ALA F 83 24.94 13.46 -4.04
CA ALA F 83 23.74 12.81 -3.52
C ALA F 83 23.16 11.82 -4.52
N GLN F 84 23.39 12.05 -5.81
CA GLN F 84 23.03 11.07 -6.83
C GLN F 84 23.79 9.77 -6.61
N LYS F 85 25.12 9.86 -6.59
CA LYS F 85 25.96 8.66 -6.44
C LYS F 85 25.69 7.97 -5.12
N LEU F 86 25.34 8.72 -4.07
CA LEU F 86 25.01 8.10 -2.79
C LEU F 86 23.74 7.27 -2.92
N LEU F 87 22.78 7.72 -3.72
CA LEU F 87 21.57 6.94 -3.96
C LEU F 87 21.85 5.72 -4.82
N ASN F 88 22.80 5.82 -5.76
CA ASN F 88 23.17 4.66 -6.57
C ASN F 88 23.78 3.57 -5.69
N SER F 89 24.75 3.93 -4.85
CA SER F 89 25.30 2.97 -3.91
C SER F 89 24.23 2.41 -2.99
N ASP F 90 23.28 3.25 -2.58
CA ASP F 90 22.18 2.79 -1.74
C ASP F 90 21.38 1.69 -2.42
N LEU F 91 21.20 1.80 -3.75
CA LEU F 91 20.44 0.77 -4.46
C LEU F 91 21.24 -0.52 -4.57
N GLY F 92 22.48 -0.43 -5.07
CA GLY F 92 23.33 -1.62 -5.12
C GLY F 92 23.51 -2.26 -3.77
N GLU F 93 23.55 -1.43 -2.71
CA GLU F 93 23.59 -1.96 -1.36
C GLU F 93 22.31 -2.72 -1.02
N LEU F 94 21.15 -2.16 -1.40
CA LEU F 94 19.89 -2.85 -1.16
C LEU F 94 19.83 -4.17 -1.92
N ILE F 95 20.33 -4.20 -3.16
CA ILE F 95 20.32 -5.42 -3.95
C ILE F 95 21.21 -6.48 -3.32
N SER F 96 22.32 -6.08 -2.70
CA SER F 96 23.20 -7.04 -2.06
C SER F 96 22.49 -7.75 -0.90
N LYS F 97 21.75 -7.00 -0.08
CA LYS F 97 21.08 -7.61 1.06
C LYS F 97 19.92 -8.49 0.63
N MET F 98 19.20 -8.11 -0.44
CA MET F 98 18.10 -8.93 -0.93
C MET F 98 18.60 -10.30 -1.37
N LYS F 99 19.74 -10.35 -2.07
CA LYS F 99 20.27 -11.62 -2.51
C LYS F 99 20.76 -12.48 -1.34
N LEU F 100 21.25 -11.84 -0.28
CA LEU F 100 21.64 -12.59 0.91
C LEU F 100 20.42 -13.17 1.61
N ALA F 101 19.33 -12.41 1.68
CA ALA F 101 18.11 -12.93 2.29
C ALA F 101 17.54 -14.11 1.50
N GLN F 102 17.69 -14.09 0.17
CA GLN F 102 17.21 -15.22 -0.63
C GLN F 102 18.07 -16.46 -0.39
N GLN F 103 19.38 -16.27 -0.21
CA GLN F 103 20.26 -17.41 0.00
C GLN F 103 19.94 -18.15 1.29
N TYR F 104 19.34 -17.46 2.25
CA TYR F 104 19.03 -18.05 3.54
C TYR F 104 17.52 -18.09 3.77
N VAL F 105 16.79 -18.66 2.80
CA VAL F 105 15.33 -18.67 2.80
C VAL F 105 14.78 -19.24 4.11
N MET F 106 15.36 -20.32 4.59
CA MET F 106 14.89 -20.98 5.81
C MET F 106 16.07 -21.37 6.69
N THR F 107 16.83 -20.39 7.15
CA THR F 107 17.97 -20.64 8.04
C THR F 107 17.93 -19.67 9.20
N SER F 108 18.99 -19.72 10.03
CA SER F 108 19.08 -18.85 11.20
C SER F 108 19.21 -17.39 10.82
N LEU F 109 19.66 -17.09 9.60
CA LEU F 109 20.00 -15.73 9.20
C LEU F 109 18.99 -15.13 8.22
N GLN F 110 17.86 -15.80 7.96
CA GLN F 110 16.81 -15.17 7.16
C GLN F 110 16.38 -13.86 7.79
N GLN F 111 16.09 -13.87 9.09
CA GLN F 111 15.69 -12.65 9.79
C GLN F 111 16.80 -11.62 9.81
N GLU F 112 18.06 -12.07 9.83
CA GLU F 112 19.18 -11.13 9.92
C GLU F 112 19.26 -10.24 8.69
N TYR F 113 19.07 -10.82 7.50
CA TYR F 113 19.18 -10.04 6.27
C TYR F 113 17.89 -9.33 5.93
N LYS F 114 16.75 -9.79 6.44
CA LYS F 114 15.53 -8.99 6.36
C LYS F 114 15.70 -7.67 7.09
N LYS F 115 16.37 -7.69 8.25
CA LYS F 115 16.61 -6.46 8.98
C LYS F 115 17.59 -5.56 8.23
N GLN F 116 18.59 -6.14 7.57
CA GLN F 116 19.59 -5.33 6.87
C GLN F 116 19.03 -4.72 5.59
N MET F 117 18.10 -5.42 4.92
CA MET F 117 17.36 -4.80 3.82
C MET F 117 16.61 -3.57 4.31
N LEU F 118 15.87 -3.72 5.42
CA LEU F 118 15.10 -2.59 5.97
C LEU F 118 16.00 -1.44 6.38
N THR F 119 17.25 -1.73 6.74
CA THR F 119 18.20 -0.66 7.01
C THR F 119 18.58 0.07 5.74
N ALA F 120 18.83 -0.67 4.66
CA ALA F 120 19.14 -0.05 3.37
C ALA F 120 17.93 0.68 2.80
N ALA F 121 16.72 0.20 3.10
CA ALA F 121 15.53 0.94 2.69
C ALA F 121 15.44 2.27 3.43
N HIS F 122 15.73 2.26 4.74
CA HIS F 122 15.75 3.48 5.52
C HIS F 122 16.73 4.49 4.94
N ALA F 123 17.89 4.01 4.48
CA ALA F 123 18.91 4.91 3.95
C ALA F 123 18.51 5.49 2.60
N LEU F 124 17.73 4.74 1.81
CA LEU F 124 17.24 5.28 0.54
C LEU F 124 16.30 6.45 0.76
N ALA F 125 15.38 6.33 1.71
CA ALA F 125 14.47 7.43 2.00
C ALA F 125 15.23 8.65 2.51
N VAL F 126 16.23 8.43 3.37
CA VAL F 126 16.97 9.54 3.96
C VAL F 126 17.77 10.27 2.89
N ASP F 127 18.53 9.53 2.08
CA ASP F 127 19.40 10.14 1.10
C ASP F 127 18.66 10.67 -0.11
N ALA F 128 17.41 10.25 -0.31
CA ALA F 128 16.58 10.88 -1.33
C ALA F 128 16.00 12.20 -0.83
N LYS F 129 15.59 12.23 0.44
CA LYS F 129 15.10 13.48 1.02
C LYS F 129 16.20 14.54 1.03
N ASN F 130 17.44 14.14 1.31
CA ASN F 130 18.54 15.09 1.24
C ASN F 130 18.75 15.57 -0.20
N LEU F 131 18.62 14.67 -1.17
CA LEU F 131 18.68 15.09 -2.57
C LEU F 131 17.61 16.12 -2.86
N LEU F 132 16.42 15.95 -2.29
CA LEU F 132 15.37 16.96 -2.44
C LEU F 132 15.76 18.27 -1.78
N ASP F 133 16.28 18.20 -0.54
CA ASP F 133 16.64 19.41 0.18
C ASP F 133 17.79 20.14 -0.50
N VAL F 134 18.73 19.40 -1.09
CA VAL F 134 19.84 20.04 -1.78
C VAL F 134 19.34 20.77 -3.02
N ILE F 135 18.38 20.19 -3.74
CA ILE F 135 17.83 20.83 -4.92
C ILE F 135 16.98 22.03 -4.53
N ASP F 136 16.17 21.90 -3.48
CA ASP F 136 15.38 23.04 -2.99
C ASP F 136 16.28 24.22 -2.66
N GLN F 137 17.47 23.96 -2.12
CA GLN F 137 18.40 25.04 -1.84
C GLN F 137 18.94 25.66 -3.12
N ALA F 138 19.23 24.84 -4.13
CA ALA F 138 19.72 25.37 -5.40
C ALA F 138 18.68 26.25 -6.07
N ARG F 139 17.40 26.00 -5.81
CA ARG F 139 16.34 26.81 -6.42
C ARG F 139 16.32 28.23 -5.86
N LEU F 140 16.77 28.40 -4.62
CA LEU F 140 16.67 29.69 -3.92
C LEU F 140 17.67 30.68 -4.52
N LYS F 141 17.31 31.22 -5.67
CA LYS F 141 18.11 32.24 -6.34
C LYS F 141 17.22 33.37 -6.87
N ASN G 13 -2.04 -13.99 37.37
CA ASN G 13 -2.21 -15.21 38.15
C ASN G 13 -1.39 -15.18 39.43
N LEU G 14 -0.34 -14.36 39.44
CA LEU G 14 0.49 -14.14 40.62
C LEU G 14 0.02 -12.88 41.35
N ASP G 15 0.41 -12.78 42.62
CA ASP G 15 0.16 -11.57 43.38
C ASP G 15 1.10 -10.46 42.88
N ARG G 16 0.52 -9.40 42.32
CA ARG G 16 1.28 -8.29 41.78
C ARG G 16 1.15 -7.02 42.60
N SER G 17 0.57 -7.11 43.80
CA SER G 17 0.32 -5.91 44.59
C SER G 17 1.60 -5.23 45.05
N ASN G 18 2.65 -6.01 45.32
CA ASN G 18 3.95 -5.44 45.69
C ASN G 18 5.02 -5.69 44.64
N ASP G 19 4.62 -5.87 43.38
CA ASP G 19 5.56 -6.12 42.28
C ASP G 19 5.76 -4.81 41.55
N LYS G 20 6.82 -4.08 41.93
CA LYS G 20 7.10 -2.80 41.29
C LYS G 20 7.51 -2.98 39.84
N VAL G 21 8.30 -4.02 39.55
CA VAL G 21 8.69 -4.31 38.17
C VAL G 21 7.46 -4.51 37.30
N TYR G 22 6.50 -5.30 37.80
CA TYR G 22 5.27 -5.53 37.05
C TYR G 22 4.49 -4.23 36.83
N GLU G 23 4.43 -3.38 37.86
CA GLU G 23 3.73 -2.10 37.70
C GLU G 23 4.41 -1.23 36.65
N ASN G 24 5.75 -1.15 36.69
CA ASN G 24 6.45 -0.32 35.74
C ASN G 24 6.37 -0.88 34.33
N VAL G 25 6.42 -2.21 34.19
CA VAL G 25 6.21 -2.83 32.88
C VAL G 25 4.81 -2.53 32.37
N THR G 26 3.81 -2.67 33.25
CA THR G 26 2.43 -2.39 32.86
C THR G 26 2.28 -0.94 32.38
N GLY G 27 2.87 0.00 33.11
CA GLY G 27 2.77 1.40 32.69
C GLY G 27 3.46 1.66 31.38
N LEU G 28 4.60 1.00 31.13
CA LEU G 28 5.29 1.17 29.86
C LEU G 28 4.45 0.62 28.71
N VAL G 29 3.83 -0.55 28.91
CA VAL G 29 2.95 -1.11 27.89
C VAL G 29 1.77 -0.17 27.64
N LYS G 30 1.22 0.41 28.71
CA LYS G 30 0.12 1.34 28.55
C LYS G 30 0.57 2.59 27.78
N ALA G 31 1.79 3.07 28.05
CA ALA G 31 2.31 4.21 27.32
C ALA G 31 2.37 3.91 25.82
N VAL G 32 2.71 2.68 25.46
CA VAL G 32 2.70 2.28 24.06
C VAL G 32 1.25 2.22 23.54
N ILE G 33 0.35 1.65 24.34
CA ILE G 33 -1.04 1.52 23.92
C ILE G 33 -1.66 2.89 23.68
N GLU G 34 -1.39 3.85 24.57
CA GLU G 34 -1.97 5.18 24.41
C GLU G 34 -1.43 5.89 23.18
N MET G 35 -0.15 5.70 22.87
CA MET G 35 0.41 6.26 21.64
C MET G 35 -0.28 5.68 20.41
N SER G 36 -0.51 4.36 20.40
CA SER G 36 -1.08 3.71 19.23
C SER G 36 -2.49 4.20 18.93
N SER G 37 -3.26 4.52 19.98
CA SER G 37 -4.65 4.92 19.80
C SER G 37 -4.80 6.34 19.25
N LYS G 38 -3.72 7.12 19.18
CA LYS G 38 -3.83 8.52 18.79
C LYS G 38 -2.87 8.96 17.69
N ILE G 39 -1.85 8.15 17.34
CA ILE G 39 -0.78 8.65 16.50
C ILE G 39 -1.17 8.70 15.02
N GLN G 40 -1.98 7.76 14.54
CA GLN G 40 -2.34 7.74 13.12
C GLN G 40 -2.92 9.05 12.61
N PRO G 41 -3.69 9.85 13.40
CA PRO G 41 -4.05 11.19 12.93
C PRO G 41 -3.50 12.32 13.78
N ALA G 42 -2.19 12.31 14.03
CA ALA G 42 -1.63 13.28 14.96
C ALA G 42 -0.48 14.04 14.33
N PRO G 43 -0.36 15.34 14.62
CA PRO G 43 0.77 16.12 14.09
C PRO G 43 2.00 15.92 14.95
N PRO G 44 3.19 16.31 14.45
CA PRO G 44 4.43 16.09 15.21
C PRO G 44 4.42 16.67 16.62
N GLU G 45 3.84 17.86 16.82
CA GLU G 45 3.84 18.47 18.15
C GLU G 45 3.02 17.66 19.16
N GLU G 46 2.26 16.67 18.71
CA GLU G 46 1.51 15.79 19.60
C GLU G 46 2.21 14.46 19.88
N TYR G 47 2.82 13.83 18.86
CA TYR G 47 3.30 12.47 19.04
C TYR G 47 4.71 12.39 19.61
N VAL G 48 5.50 13.48 19.53
CA VAL G 48 6.79 13.52 20.24
C VAL G 48 6.57 13.45 21.75
N PRO G 49 5.62 14.20 22.35
CA PRO G 49 5.33 13.95 23.77
C PRO G 49 4.88 12.52 24.06
N MET G 50 4.15 11.89 23.13
CA MET G 50 3.74 10.51 23.35
C MET G 50 4.94 9.57 23.31
N VAL G 51 5.86 9.78 22.37
CA VAL G 51 7.09 8.99 22.33
C VAL G 51 7.95 9.28 23.56
N LYS G 52 7.98 10.54 24.00
CA LYS G 52 8.77 10.88 25.18
C LYS G 52 8.21 10.22 26.43
N GLU G 53 6.87 10.18 26.55
CA GLU G 53 6.25 9.45 27.65
C GLU G 53 6.70 7.99 27.67
N VAL G 54 6.87 7.40 26.50
CA VAL G 54 7.36 6.02 26.41
C VAL G 54 8.79 5.94 26.92
N GLY G 55 9.67 6.78 26.40
CA GLY G 55 11.06 6.77 26.85
C GLY G 55 11.20 7.04 28.33
N LEU G 56 10.33 7.88 28.89
CA LEU G 56 10.36 8.12 30.33
C LEU G 56 9.87 6.90 31.09
N ALA G 57 8.83 6.23 30.58
CA ALA G 57 8.35 5.00 31.21
C ALA G 57 9.43 3.92 31.16
N LEU G 58 10.20 3.86 30.08
CA LEU G 58 11.29 2.90 30.00
C LEU G 58 12.39 3.22 31.00
N ARG G 59 12.73 4.50 31.16
CA ARG G 59 13.75 4.87 32.13
C ARG G 59 13.29 4.61 33.55
N THR G 60 11.97 4.72 33.81
CA THR G 60 11.46 4.34 35.12
C THR G 60 11.58 2.84 35.35
N LEU G 61 11.37 2.05 34.29
CA LEU G 61 11.47 0.59 34.41
C LEU G 61 12.92 0.15 34.60
N LEU G 62 13.83 0.66 33.77
CA LEU G 62 15.22 0.23 33.83
C LEU G 62 15.85 0.57 35.18
N ALA G 63 15.48 1.71 35.75
CA ALA G 63 15.96 2.04 37.10
C ALA G 63 15.49 1.02 38.11
N THR G 64 14.20 0.69 38.08
CA THR G 64 13.64 -0.31 39.00
C THR G 64 14.31 -1.66 38.80
N VAL G 65 14.64 -2.01 37.56
CA VAL G 65 15.33 -3.27 37.29
C VAL G 65 16.73 -3.25 37.90
N ASP G 66 17.47 -2.15 37.67
CA ASP G 66 18.76 -2.00 38.33
C ASP G 66 18.63 -2.01 39.84
N GLU G 67 17.51 -1.49 40.37
CA GLU G 67 17.25 -1.55 41.79
C GLU G 67 16.97 -2.96 42.26
N THR G 68 16.48 -3.83 41.36
CA THR G 68 16.11 -5.19 41.70
C THR G 68 17.25 -6.20 41.51
N ILE G 69 18.21 -5.88 40.65
CA ILE G 69 19.26 -6.84 40.31
C ILE G 69 20.02 -7.37 41.52
N PRO G 70 20.43 -6.54 42.51
CA PRO G 70 21.18 -7.10 43.64
C PRO G 70 20.50 -8.25 44.36
N ALA G 71 19.16 -8.27 44.38
CA ALA G 71 18.41 -9.30 45.10
C ALA G 71 18.16 -10.56 44.27
N LEU G 72 18.76 -10.67 43.09
CA LEU G 72 18.55 -11.79 42.21
C LEU G 72 19.76 -12.70 42.16
N PRO G 73 19.59 -13.97 41.79
CA PRO G 73 20.75 -14.85 41.65
C PRO G 73 21.73 -14.32 40.62
N ALA G 74 23.02 -14.48 40.92
CA ALA G 74 24.07 -13.89 40.08
C ALA G 74 24.09 -14.48 38.68
N SER G 75 23.58 -15.70 38.51
CA SER G 75 23.57 -16.32 37.20
C SER G 75 22.61 -15.66 36.22
N THR G 76 21.75 -14.77 36.68
CA THR G 76 20.78 -14.08 35.83
C THR G 76 21.23 -12.70 35.40
N HIS G 77 22.28 -12.15 36.01
CA HIS G 77 22.61 -10.74 35.82
C HIS G 77 23.10 -10.45 34.41
N ARG G 78 23.67 -11.43 33.73
CA ARG G 78 24.10 -11.21 32.35
C ARG G 78 22.91 -11.10 31.42
N GLU G 79 21.96 -12.03 31.53
CA GLU G 79 20.79 -12.01 30.65
C GLU G 79 19.92 -10.78 30.90
N ILE G 80 19.90 -10.27 32.12
CA ILE G 80 19.07 -9.11 32.43
C ILE G 80 19.71 -7.83 31.91
N GLU G 81 21.03 -7.68 32.05
CA GLU G 81 21.70 -6.53 31.46
C GLU G 81 21.61 -6.55 29.94
N MET G 82 21.49 -7.75 29.36
CA MET G 82 21.29 -7.84 27.91
C MET G 82 19.87 -7.45 27.53
N ALA G 83 18.89 -7.87 28.32
CA ALA G 83 17.51 -7.46 28.07
C ALA G 83 17.33 -5.96 28.26
N GLN G 84 18.00 -5.39 29.27
CA GLN G 84 17.97 -3.94 29.44
C GLN G 84 18.63 -3.24 28.25
N LYS G 85 19.73 -3.81 27.75
CA LYS G 85 20.36 -3.25 26.55
C LYS G 85 19.43 -3.31 25.36
N LEU G 86 18.64 -4.38 25.26
CA LEU G 86 17.73 -4.53 24.13
C LEU G 86 16.59 -3.53 24.19
N LEU G 87 16.13 -3.18 25.39
CA LEU G 87 15.07 -2.19 25.52
C LEU G 87 15.54 -0.81 25.04
N ASN G 88 16.78 -0.44 25.35
CA ASN G 88 17.32 0.81 24.86
C ASN G 88 17.47 0.79 23.33
N SER G 89 17.85 -0.36 22.77
CA SER G 89 17.94 -0.48 21.32
C SER G 89 16.58 -0.29 20.67
N ASP G 90 15.54 -0.88 21.26
CA ASP G 90 14.19 -0.70 20.73
C ASP G 90 13.74 0.75 20.86
N LEU G 91 14.14 1.42 21.95
CA LEU G 91 13.83 2.84 22.10
C LEU G 91 14.50 3.67 21.03
N GLY G 92 15.73 3.31 20.66
CA GLY G 92 16.40 4.01 19.58
C GLY G 92 15.76 3.78 18.22
N GLU G 93 15.18 2.60 18.03
CA GLU G 93 14.50 2.32 16.75
C GLU G 93 13.21 3.11 16.63
N LEU G 94 12.46 3.25 17.73
CA LEU G 94 11.26 4.07 17.72
C LEU G 94 11.58 5.51 17.38
N ILE G 95 12.67 6.04 17.95
CA ILE G 95 13.07 7.42 17.66
C ILE G 95 13.51 7.55 16.21
N SER G 96 14.21 6.54 15.68
CA SER G 96 14.63 6.57 14.28
C SER G 96 13.43 6.65 13.35
N LYS G 97 12.38 5.88 13.61
CA LYS G 97 11.17 5.97 12.81
C LYS G 97 10.39 7.25 13.08
N MET G 98 10.55 7.84 14.27
CA MET G 98 9.86 9.09 14.58
C MET G 98 10.45 10.26 13.79
N LYS G 99 11.79 10.38 13.80
CA LYS G 99 12.43 11.46 13.07
C LYS G 99 12.10 11.39 11.57
N LEU G 100 12.09 10.18 11.00
CA LEU G 100 11.79 10.02 9.59
C LEU G 100 10.35 10.46 9.29
N ALA G 101 9.41 10.12 10.18
CA ALA G 101 8.04 10.58 10.03
C ALA G 101 7.91 12.10 10.14
N GLN G 102 8.92 12.79 10.66
CA GLN G 102 8.93 14.24 10.62
C GLN G 102 9.43 14.75 9.28
N GLN G 103 10.41 14.07 8.68
CA GLN G 103 10.94 14.47 7.38
C GLN G 103 9.87 14.43 6.29
N TYR G 104 8.79 13.68 6.49
CA TYR G 104 7.72 13.57 5.52
C TYR G 104 6.39 14.07 6.08
N VAL G 105 6.46 15.09 6.94
CA VAL G 105 5.26 15.66 7.54
C VAL G 105 4.35 16.28 6.48
N MET G 106 4.93 16.79 5.40
CA MET G 106 4.19 17.46 4.35
C MET G 106 3.58 16.49 3.33
N THR G 107 3.77 15.18 3.51
CA THR G 107 3.49 14.23 2.45
C THR G 107 2.49 13.17 2.92
N SER G 108 2.03 12.37 1.96
CA SER G 108 1.24 11.18 2.26
C SER G 108 2.06 10.08 2.93
N LEU G 109 3.38 10.28 3.05
CA LEU G 109 4.27 9.27 3.60
C LEU G 109 4.43 9.39 5.11
N GLN G 110 3.91 10.44 5.74
CA GLN G 110 3.97 10.53 7.20
C GLN G 110 3.19 9.40 7.84
N GLN G 111 2.00 9.11 7.33
CA GLN G 111 1.23 7.99 7.85
C GLN G 111 1.96 6.67 7.64
N GLU G 112 2.79 6.59 6.60
CA GLU G 112 3.51 5.35 6.32
C GLU G 112 4.66 5.12 7.28
N TYR G 113 5.24 6.18 7.82
CA TYR G 113 6.29 6.04 8.83
C TYR G 113 5.75 6.09 10.25
N LYS G 114 4.53 6.60 10.43
CA LYS G 114 3.83 6.36 11.70
C LYS G 114 3.57 4.87 11.90
N LYS G 115 3.25 4.16 10.80
CA LYS G 115 3.04 2.72 10.88
C LYS G 115 4.30 2.01 11.38
N GLN G 116 5.46 2.43 10.90
CA GLN G 116 6.71 1.85 11.38
C GLN G 116 7.03 2.28 12.80
N MET G 117 6.52 3.43 13.24
CA MET G 117 6.62 3.79 14.65
C MET G 117 5.80 2.82 15.51
N LEU G 118 4.65 2.38 15.00
CA LEU G 118 3.79 1.48 15.77
C LEU G 118 4.46 0.12 15.98
N THR G 119 5.08 -0.43 14.93
CA THR G 119 5.74 -1.71 15.09
C THR G 119 6.97 -1.62 15.97
N ALA G 120 7.61 -0.44 16.03
CA ALA G 120 8.78 -0.27 16.88
C ALA G 120 8.38 -0.10 18.34
N ALA G 121 7.25 0.57 18.61
CA ALA G 121 6.77 0.73 19.97
C ALA G 121 6.16 -0.57 20.49
N HIS G 122 5.43 -1.29 19.63
CA HIS G 122 4.90 -2.59 20.02
C HIS G 122 6.01 -3.59 20.28
N ALA G 123 7.13 -3.48 19.55
CA ALA G 123 8.27 -4.35 19.83
C ALA G 123 8.92 -4.00 21.16
N LEU G 124 8.87 -2.73 21.57
CA LEU G 124 9.37 -2.36 22.89
C LEU G 124 8.53 -2.99 23.99
N ALA G 125 7.21 -2.94 23.85
CA ALA G 125 6.33 -3.52 24.86
C ALA G 125 6.45 -5.03 24.93
N VAL G 126 6.78 -5.67 23.80
CA VAL G 126 6.99 -7.11 23.81
C VAL G 126 8.27 -7.46 24.57
N ASP G 127 9.35 -6.74 24.28
CA ASP G 127 10.60 -6.97 24.99
C ASP G 127 10.53 -6.54 26.45
N ALA G 128 9.63 -5.62 26.79
CA ALA G 128 9.41 -5.28 28.19
C ALA G 128 8.82 -6.46 28.94
N LYS G 129 7.84 -7.14 28.35
CA LYS G 129 7.25 -8.31 28.98
C LYS G 129 8.23 -9.48 29.05
N ASN G 130 9.21 -9.52 28.16
CA ASN G 130 10.22 -10.59 28.22
C ASN G 130 11.12 -10.42 29.44
N LEU G 131 11.56 -9.18 29.71
CA LEU G 131 12.34 -8.93 30.92
C LEU G 131 11.54 -9.23 32.17
N LEU G 132 10.22 -9.04 32.13
CA LEU G 132 9.37 -9.38 33.27
C LEU G 132 9.38 -10.88 33.54
N ASP G 133 9.29 -11.69 32.48
CA ASP G 133 9.28 -13.14 32.67
C ASP G 133 10.66 -13.67 33.04
N VAL G 134 11.73 -13.06 32.52
CA VAL G 134 13.08 -13.41 32.96
C VAL G 134 13.25 -13.09 34.44
N ILE G 135 12.73 -11.94 34.87
CA ILE G 135 12.81 -11.56 36.28
C ILE G 135 11.92 -12.47 37.12
N ASP G 136 10.75 -12.84 36.60
CA ASP G 136 9.87 -13.76 37.31
C ASP G 136 10.56 -15.11 37.55
N GLN G 137 11.22 -15.64 36.51
CA GLN G 137 11.97 -16.88 36.68
C GLN G 137 13.04 -16.73 37.76
N ALA G 138 13.77 -15.62 37.73
CA ALA G 138 14.81 -15.40 38.72
C ALA G 138 14.24 -15.39 40.13
N ARG G 139 13.06 -14.79 40.31
CA ARG G 139 12.44 -14.75 41.64
C ARG G 139 12.08 -16.14 42.12
N LEU G 140 11.65 -17.01 41.20
CA LEU G 140 11.31 -18.38 41.59
C LEU G 140 12.56 -19.13 42.06
N LYS G 141 13.66 -19.01 41.32
CA LYS G 141 14.92 -19.61 41.76
C LYS G 141 15.35 -19.08 43.12
N MET G 142 15.00 -17.82 43.42
CA MET G 142 15.43 -17.22 44.68
C MET G 142 14.75 -17.84 45.88
N LEU G 143 13.52 -18.33 45.70
CA LEU G 143 12.83 -19.01 46.80
C LEU G 143 13.50 -20.31 47.19
N GLY G 144 14.44 -20.80 46.39
CA GLY G 144 15.24 -21.96 46.75
C GLY G 144 16.64 -21.58 47.19
N GLN G 145 16.72 -20.69 48.17
CA GLN G 145 18.00 -20.25 48.71
C GLN G 145 17.80 -19.49 50.01
#